data_4RED
#
_entry.id   4RED
#
_cell.length_a   119.532
_cell.length_b   119.532
_cell.length_c   215.639
_cell.angle_alpha   90.00
_cell.angle_beta   90.00
_cell.angle_gamma   90.00
#
_symmetry.space_group_name_H-M   'I 41 2 2'
#
loop_
_entity.id
_entity.type
_entity.pdbx_description
1 polymer "5'-AMP-activated protein kinase catalytic subunit alpha-1"
2 water water
#
_entity_poly.entity_id   1
_entity_poly.type   'polypeptide(L)'
_entity_poly.pdbx_seq_one_letter_code
;MGHHHHHHGSVKIGHYILGDTLGVGTFGKVKVGKHELTGHAVAVKILNRQKIRSLDVVGKIRREIQNLKLFRHPHIIKLY
QVISTPSDIFMVMEYVSGGELFDYICKNGRLDEKESRRLFQQILSGVDYCHRHMVVHRDLKPENVLLDAHMNAKIADFGL
SNMMSDGEFLRTSCGSPNYAAPEVISGRLYAGPEVDIWSSGVILYALLCGTLPFDDDHVPTLFKKICDGIFYTPQYLNPS
VISLLKHMLQVDPMKRASIKDIREHEWFKQDLPKYLFPEDPSYSTTMIDDEALKEVCEKFECSEEEVLSCLYNRNHQDPL
AVAYHLIIDNRRIMNEAKDFYLATSPPDSFL
;
_entity_poly.pdbx_strand_id   A,B
#
# COMPACT_ATOMS: atom_id res chain seq x y z
N SER A 10 -36.73 16.66 -9.29
CA SER A 10 -36.54 16.63 -7.82
C SER A 10 -36.00 15.28 -7.35
N VAL A 11 -35.11 14.69 -8.13
CA VAL A 11 -34.35 13.54 -7.65
C VAL A 11 -32.92 13.99 -7.38
N LYS A 12 -32.60 14.24 -6.11
CA LYS A 12 -31.30 14.76 -5.76
C LYS A 12 -30.68 14.02 -4.59
N ILE A 13 -29.41 13.64 -4.76
CA ILE A 13 -28.67 12.94 -3.76
C ILE A 13 -27.36 13.68 -3.54
N GLY A 14 -27.08 14.02 -2.28
CA GLY A 14 -25.95 14.85 -1.94
C GLY A 14 -26.00 16.13 -2.73
N HIS A 15 -24.93 16.42 -3.44
CA HIS A 15 -24.86 17.59 -4.32
C HIS A 15 -25.27 17.26 -5.75
N TYR A 16 -25.81 16.05 -5.98
CA TYR A 16 -26.06 15.60 -7.34
C TYR A 16 -27.53 15.45 -7.68
N ILE A 17 -27.93 16.00 -8.82
CA ILE A 17 -29.30 15.83 -9.34
C ILE A 17 -29.33 14.74 -10.42
N LEU A 18 -30.07 13.69 -10.16
CA LEU A 18 -30.13 12.53 -11.03
C LEU A 18 -31.02 12.78 -12.23
N GLY A 19 -30.70 12.12 -13.34
CA GLY A 19 -31.33 12.36 -14.64
C GLY A 19 -31.89 11.11 -15.27
N ASP A 20 -31.95 11.10 -16.61
CA ASP A 20 -32.39 9.94 -17.38
C ASP A 20 -31.63 8.68 -16.96
N THR A 21 -32.32 7.55 -16.91
CA THR A 21 -31.68 6.28 -16.61
C THR A 21 -30.79 5.87 -17.76
N LEU A 22 -29.51 5.73 -17.49
CA LEU A 22 -28.49 5.46 -18.52
C LEU A 22 -28.35 3.96 -18.78
N GLY A 23 -28.85 3.15 -17.86
CA GLY A 23 -28.70 1.70 -17.93
C GLY A 23 -29.32 1.08 -16.68
N VAL A 24 -29.85 -0.14 -16.76
CA VAL A 24 -30.47 -0.75 -15.61
C VAL A 24 -29.83 -2.12 -15.31
N GLY A 25 -29.42 -2.30 -14.07
CA GLY A 25 -28.81 -3.56 -13.64
C GLY A 25 -29.78 -4.35 -12.78
N THR A 26 -29.31 -5.52 -12.36
CA THR A 26 -30.07 -6.41 -11.51
C THR A 26 -30.34 -5.79 -10.14
N PHE A 27 -29.34 -5.12 -9.59
CA PHE A 27 -29.44 -4.57 -8.24
C PHE A 27 -29.75 -3.08 -8.18
N GLY A 28 -30.02 -2.48 -9.32
CA GLY A 28 -30.36 -1.08 -9.40
C GLY A 28 -29.99 -0.52 -10.75
N LYS A 29 -30.43 0.70 -11.04
CA LYS A 29 -30.19 1.28 -12.35
C LYS A 29 -29.00 2.21 -12.27
N VAL A 30 -28.58 2.73 -13.41
CA VAL A 30 -27.51 3.71 -13.48
C VAL A 30 -28.06 4.97 -14.12
N LYS A 31 -28.18 6.03 -13.35
CA LYS A 31 -28.70 7.28 -13.87
C LYS A 31 -27.57 8.27 -14.09
N VAL A 32 -27.68 9.07 -15.13
CA VAL A 32 -26.78 10.19 -15.34
C VAL A 32 -27.16 11.29 -14.36
N GLY A 33 -26.17 12.07 -13.92
CA GLY A 33 -26.42 13.15 -13.00
C GLY A 33 -25.52 14.33 -13.30
N LYS A 34 -25.83 15.46 -12.68
CA LYS A 34 -24.95 16.61 -12.76
C LYS A 34 -24.84 17.29 -11.40
N HIS A 35 -23.64 17.76 -11.09
CA HIS A 35 -23.36 18.44 -9.84
C HIS A 35 -24.18 19.72 -9.73
N GLU A 36 -24.76 19.94 -8.57
CA GLU A 36 -25.68 21.05 -8.34
C GLU A 36 -25.05 22.43 -8.40
N LEU A 37 -23.78 22.52 -8.04
CA LEU A 37 -23.06 23.81 -8.03
C LEU A 37 -22.23 23.95 -9.30
N THR A 38 -21.24 23.09 -9.45
CA THR A 38 -20.47 23.02 -10.69
C THR A 38 -21.34 22.23 -11.65
N GLY A 39 -21.39 22.60 -12.91
CA GLY A 39 -22.26 21.85 -13.84
C GLY A 39 -21.87 20.44 -14.26
N HIS A 40 -20.77 19.92 -13.74
CA HIS A 40 -20.19 18.70 -14.24
C HIS A 40 -21.15 17.53 -14.25
N ALA A 41 -21.02 16.71 -15.29
CA ALA A 41 -21.84 15.53 -15.45
C ALA A 41 -21.15 14.35 -14.83
N VAL A 42 -21.96 13.48 -14.23
CA VAL A 42 -21.44 12.27 -13.63
C VAL A 42 -22.36 11.11 -13.94
N ALA A 43 -21.91 9.91 -13.62
CA ALA A 43 -22.72 8.70 -13.79
C ALA A 43 -22.93 8.06 -12.43
N VAL A 44 -24.18 7.97 -12.00
CA VAL A 44 -24.49 7.49 -10.66
C VAL A 44 -25.11 6.09 -10.67
N LYS A 45 -24.41 5.13 -10.09
CA LYS A 45 -24.95 3.79 -9.91
C LYS A 45 -25.76 3.70 -8.62
N ILE A 46 -27.03 3.30 -8.74
CA ILE A 46 -27.88 3.17 -7.56
C ILE A 46 -28.03 1.70 -7.17
N LEU A 47 -27.43 1.30 -6.06
CA LEU A 47 -27.52 -0.08 -5.60
C LEU A 47 -28.60 -0.23 -4.54
N ASN A 48 -29.52 -1.17 -4.75
CA ASN A 48 -30.66 -1.35 -3.86
C ASN A 48 -30.37 -2.39 -2.78
N ARG A 49 -30.40 -1.95 -1.52
CA ARG A 49 -30.11 -2.83 -0.39
C ARG A 49 -31.05 -4.02 -0.36
N GLN A 50 -32.28 -3.83 -0.84
CA GLN A 50 -33.28 -4.88 -0.80
C GLN A 50 -32.94 -5.98 -1.82
N LYS A 51 -32.70 -5.57 -3.07
CA LYS A 51 -32.32 -6.51 -4.12
C LYS A 51 -31.06 -7.29 -3.73
N ILE A 52 -30.07 -6.59 -3.20
CA ILE A 52 -28.82 -7.20 -2.83
C ILE A 52 -29.03 -8.22 -1.74
N ARG A 53 -29.74 -7.79 -0.70
CA ARG A 53 -29.99 -8.64 0.46
C ARG A 53 -30.68 -9.92 0.07
N SER A 54 -31.56 -9.84 -0.92
CA SER A 54 -32.36 -10.99 -1.33
C SER A 54 -31.57 -11.94 -2.24
N LEU A 55 -30.44 -11.46 -2.76
CA LEU A 55 -29.68 -12.23 -3.72
C LEU A 55 -28.32 -12.71 -3.21
N ASP A 56 -27.45 -11.85 -2.69
CA ASP A 56 -26.13 -12.38 -2.32
C ASP A 56 -26.19 -12.97 -0.92
N VAL A 57 -26.27 -14.28 -0.89
CA VAL A 57 -26.44 -15.04 0.35
C VAL A 57 -25.14 -15.60 0.87
N VAL A 58 -24.09 -15.54 0.07
CA VAL A 58 -22.73 -15.84 0.53
C VAL A 58 -21.92 -14.56 0.79
N GLY A 59 -22.54 -13.42 0.57
CA GLY A 59 -21.90 -12.13 0.84
C GLY A 59 -20.89 -11.63 -0.18
N LYS A 60 -20.93 -12.21 -1.38
CA LYS A 60 -19.98 -11.80 -2.42
C LYS A 60 -20.09 -10.31 -2.78
N ILE A 61 -21.30 -9.87 -3.10
CA ILE A 61 -21.54 -8.49 -3.49
C ILE A 61 -21.23 -7.51 -2.38
N ARG A 62 -21.70 -7.83 -1.17
CA ARG A 62 -21.39 -7.06 0.02
C ARG A 62 -19.88 -6.88 0.20
N ARG A 63 -19.14 -7.98 0.08
CA ARG A 63 -17.67 -7.99 0.19
C ARG A 63 -17.05 -7.11 -0.89
N GLU A 64 -17.48 -7.30 -2.13
CA GLU A 64 -16.95 -6.55 -3.25
C GLU A 64 -17.17 -5.05 -3.09
N ILE A 65 -18.30 -4.66 -2.53
CA ILE A 65 -18.62 -3.26 -2.32
C ILE A 65 -17.72 -2.65 -1.28
N GLN A 66 -17.46 -3.37 -0.19
CA GLN A 66 -16.63 -2.84 0.88
C GLN A 66 -15.14 -2.98 0.55
N ASN A 67 -14.82 -3.61 -0.57
CA ASN A 67 -13.44 -3.66 -1.05
C ASN A 67 -13.11 -2.53 -2.01
N LEU A 68 -14.13 -1.78 -2.37
CA LEU A 68 -13.96 -0.63 -3.24
C LEU A 68 -13.12 0.48 -2.59
N LYS A 69 -12.31 1.14 -3.39
CA LYS A 69 -11.58 2.33 -2.99
C LYS A 69 -11.91 3.44 -3.99
N LEU A 70 -11.65 4.71 -3.69
CA LEU A 70 -11.96 5.72 -4.68
C LEU A 70 -10.81 5.90 -5.66
N PHE A 71 -10.97 5.31 -6.83
CA PHE A 71 -9.93 5.25 -7.82
C PHE A 71 -9.96 6.57 -8.58
N ARG A 72 -8.85 7.30 -8.52
CA ARG A 72 -8.66 8.53 -9.28
C ARG A 72 -7.67 8.49 -10.47
N HIS A 73 -7.20 7.31 -10.85
CA HIS A 73 -6.36 7.17 -12.04
C HIS A 73 -7.05 7.73 -13.28
N PRO A 74 -6.30 8.45 -14.15
CA PRO A 74 -6.86 9.15 -15.32
C PRO A 74 -7.44 8.25 -16.40
N HIS A 75 -6.90 7.05 -16.55
CA HIS A 75 -7.37 6.10 -17.55
C HIS A 75 -8.23 4.96 -16.97
N ILE A 76 -8.62 5.13 -15.72
CA ILE A 76 -9.61 4.23 -15.10
C ILE A 76 -10.78 5.11 -14.67
N ILE A 77 -12.01 4.63 -14.90
CA ILE A 77 -13.19 5.35 -14.49
C ILE A 77 -13.11 5.74 -13.02
N LYS A 78 -13.25 7.04 -12.75
CA LYS A 78 -13.06 7.56 -11.42
C LYS A 78 -14.29 7.37 -10.56
N LEU A 79 -14.08 6.93 -9.32
CA LEU A 79 -15.14 6.92 -8.33
C LEU A 79 -14.95 8.13 -7.42
N TYR A 80 -15.79 9.14 -7.61
CA TYR A 80 -15.61 10.43 -6.94
C TYR A 80 -16.05 10.36 -5.48
N GLN A 81 -17.16 9.68 -5.26
CA GLN A 81 -17.64 9.43 -3.91
C GLN A 81 -18.82 8.50 -3.88
N VAL A 82 -19.07 7.95 -2.69
CA VAL A 82 -20.19 7.06 -2.47
C VAL A 82 -21.04 7.63 -1.34
N ILE A 83 -22.34 7.70 -1.56
CA ILE A 83 -23.29 8.28 -0.63
C ILE A 83 -24.24 7.18 -0.19
N SER A 84 -24.56 7.13 1.09
CA SER A 84 -25.40 6.06 1.63
C SER A 84 -26.74 6.60 2.09
N THR A 85 -27.80 5.85 1.78
CA THR A 85 -29.16 6.18 2.25
C THR A 85 -29.71 4.92 2.88
N PRO A 86 -30.81 5.04 3.63
CA PRO A 86 -31.35 3.84 4.28
C PRO A 86 -31.66 2.72 3.32
N SER A 87 -32.26 3.00 2.18
CA SER A 87 -32.60 1.95 1.22
C SER A 87 -31.65 1.76 0.03
N ASP A 88 -30.68 2.65 -0.15
CA ASP A 88 -29.85 2.63 -1.36
C ASP A 88 -28.40 3.05 -1.12
N ILE A 89 -27.54 2.76 -2.09
CA ILE A 89 -26.15 3.19 -2.07
C ILE A 89 -25.79 3.82 -3.40
N PHE A 90 -25.44 5.10 -3.36
CA PHE A 90 -25.13 5.83 -4.60
C PHE A 90 -23.64 5.89 -4.85
N MET A 91 -23.24 5.54 -6.07
CA MET A 91 -21.85 5.64 -6.47
C MET A 91 -21.66 6.73 -7.53
N VAL A 92 -21.02 7.82 -7.14
CA VAL A 92 -20.82 8.93 -8.04
C VAL A 92 -19.52 8.73 -8.82
N MET A 93 -19.65 8.46 -10.11
CA MET A 93 -18.50 8.14 -10.94
C MET A 93 -18.31 9.14 -12.09
N GLU A 94 -17.14 9.07 -12.69
CA GLU A 94 -16.84 9.83 -13.88
C GLU A 94 -17.76 9.38 -15.01
N TYR A 95 -18.34 10.35 -15.71
CA TYR A 95 -19.18 10.04 -16.86
C TYR A 95 -18.34 10.00 -18.12
N VAL A 96 -18.31 8.83 -18.75
CA VAL A 96 -17.61 8.62 -20.01
C VAL A 96 -18.60 7.99 -20.97
N SER A 97 -18.90 8.72 -22.05
CA SER A 97 -19.94 8.30 -22.99
C SER A 97 -19.43 7.62 -24.26
N GLY A 98 -18.13 7.41 -24.36
CA GLY A 98 -17.61 6.65 -25.49
C GLY A 98 -17.91 5.16 -25.39
N GLY A 99 -17.79 4.47 -26.51
CA GLY A 99 -18.17 3.06 -26.61
C GLY A 99 -16.94 2.21 -26.37
N GLU A 100 -17.12 0.90 -26.40
CA GLU A 100 -16.00 -0.01 -26.13
C GLU A 100 -14.92 0.22 -27.16
N LEU A 101 -13.65 0.10 -26.74
CA LEU A 101 -12.53 0.32 -27.65
C LEU A 101 -12.53 -0.74 -28.73
N PHE A 102 -12.73 -2.00 -28.35
CA PHE A 102 -12.80 -3.10 -29.33
C PHE A 102 -13.97 -2.93 -30.30
N ASP A 103 -14.94 -2.13 -29.91
CA ASP A 103 -16.07 -1.81 -30.78
C ASP A 103 -15.65 -0.78 -31.83
N TYR A 104 -14.87 0.22 -31.40
CA TYR A 104 -14.38 1.27 -32.28
C TYR A 104 -13.43 0.71 -33.34
N ILE A 105 -12.64 -0.29 -32.97
CA ILE A 105 -11.67 -0.90 -33.89
C ILE A 105 -12.35 -1.77 -34.95
N CYS A 106 -13.44 -2.46 -34.58
CA CYS A 106 -14.22 -3.22 -35.57
C CYS A 106 -14.92 -2.39 -36.64
N LYS A 107 -15.42 -1.21 -36.28
CA LYS A 107 -16.12 -0.38 -37.25
C LYS A 107 -15.11 0.38 -38.11
N ASN A 108 -14.40 1.33 -37.50
CA ASN A 108 -13.36 2.09 -38.20
C ASN A 108 -12.09 1.28 -38.06
N GLY A 109 -11.22 1.33 -39.06
CA GLY A 109 -10.10 0.40 -39.11
C GLY A 109 -9.05 0.55 -38.02
N ARG A 110 -7.97 -0.22 -38.15
CA ARG A 110 -6.82 -0.21 -37.23
C ARG A 110 -6.17 1.20 -37.10
N LEU A 111 -5.45 1.42 -36.02
CA LEU A 111 -4.82 2.72 -35.84
C LEU A 111 -3.33 2.68 -36.18
N ASP A 112 -2.75 3.86 -36.22
CA ASP A 112 -1.31 4.00 -36.54
C ASP A 112 -0.42 3.81 -35.33
N GLU A 113 0.86 3.54 -35.60
CA GLU A 113 1.84 3.35 -34.54
C GLU A 113 1.80 4.42 -33.49
N LYS A 114 1.59 5.66 -33.91
CA LYS A 114 1.59 6.77 -32.97
C LYS A 114 0.42 6.72 -32.00
N GLU A 115 -0.77 6.47 -32.53
CA GLU A 115 -1.98 6.41 -31.69
C GLU A 115 -2.15 5.09 -30.93
N SER A 116 -1.62 4.01 -31.49
CA SER A 116 -1.67 2.72 -30.84
C SER A 116 -0.81 2.71 -29.58
N ARG A 117 0.41 3.22 -29.72
CA ARG A 117 1.35 3.30 -28.62
C ARG A 117 0.77 4.13 -27.47
N ARG A 118 0.23 5.29 -27.82
CA ARG A 118 -0.38 6.18 -26.85
C ARG A 118 -1.48 5.46 -26.07
N LEU A 119 -2.45 4.90 -26.78
CA LEU A 119 -3.52 4.15 -26.17
C LEU A 119 -2.99 2.99 -25.35
N PHE A 120 -2.06 2.23 -25.91
CA PHE A 120 -1.50 1.09 -25.17
C PHE A 120 -0.82 1.50 -23.87
N GLN A 121 -0.07 2.60 -23.89
CA GLN A 121 0.58 3.13 -22.68
C GLN A 121 -0.43 3.52 -21.64
N GLN A 122 -1.55 4.10 -22.07
CA GLN A 122 -2.63 4.49 -21.14
C GLN A 122 -3.21 3.27 -20.47
N ILE A 123 -3.60 2.31 -21.28
CA ILE A 123 -4.20 1.07 -20.82
C ILE A 123 -3.30 0.34 -19.83
N LEU A 124 -2.03 0.18 -20.16
CA LEU A 124 -1.09 -0.49 -19.27
C LEU A 124 -0.88 0.28 -17.97
N SER A 125 -1.03 1.60 -18.04
CA SER A 125 -0.91 2.45 -16.86
C SER A 125 -2.03 2.17 -15.86
N GLY A 126 -3.24 2.02 -16.38
CA GLY A 126 -4.38 1.69 -15.54
C GLY A 126 -4.26 0.27 -14.98
N VAL A 127 -3.79 -0.66 -15.81
CA VAL A 127 -3.61 -2.04 -15.39
C VAL A 127 -2.63 -2.16 -14.25
N ASP A 128 -1.50 -1.47 -14.38
CA ASP A 128 -0.49 -1.44 -13.33
C ASP A 128 -1.08 -0.87 -12.03
N TYR A 129 -1.81 0.23 -12.16
CA TYR A 129 -2.48 0.88 -11.03
C TYR A 129 -3.41 -0.10 -10.33
N CYS A 130 -4.15 -0.89 -11.12
CA CYS A 130 -5.08 -1.90 -10.59
C CYS A 130 -4.34 -2.99 -9.83
N HIS A 131 -3.22 -3.44 -10.39
CA HIS A 131 -2.40 -4.47 -9.76
C HIS A 131 -1.91 -3.99 -8.40
N ARG A 132 -1.59 -2.71 -8.31
CA ARG A 132 -1.10 -2.13 -7.08
C ARG A 132 -2.17 -1.95 -6.01
N HIS A 133 -3.27 -1.28 -6.34
CA HIS A 133 -4.27 -0.92 -5.32
C HIS A 133 -5.62 -1.65 -5.30
N MET A 134 -5.88 -2.55 -6.23
CA MET A 134 -7.11 -3.35 -6.13
C MET A 134 -6.91 -4.41 -5.08
N VAL A 135 -7.89 -4.54 -4.19
CA VAL A 135 -7.81 -5.46 -3.05
C VAL A 135 -7.78 -6.91 -3.53
N VAL A 136 -8.68 -7.26 -4.42
CA VAL A 136 -8.72 -8.59 -4.99
C VAL A 136 -8.46 -8.42 -6.47
N HIS A 137 -7.67 -9.30 -7.05
CA HIS A 137 -7.36 -9.22 -8.45
C HIS A 137 -8.57 -9.53 -9.28
N ARG A 138 -8.69 -8.85 -10.41
CA ARG A 138 -9.74 -9.11 -11.38
C ARG A 138 -9.14 -9.02 -12.77
N ASP A 139 -9.27 -10.10 -13.53
CA ASP A 139 -8.71 -10.17 -14.86
C ASP A 139 -9.15 -8.97 -15.69
N LEU A 140 -8.21 -8.42 -16.43
CA LEU A 140 -8.54 -7.32 -17.30
C LEU A 140 -9.27 -7.89 -18.48
N LYS A 141 -10.49 -7.42 -18.68
CA LYS A 141 -11.29 -7.81 -19.82
C LYS A 141 -11.37 -6.65 -20.82
N PRO A 142 -10.87 -6.87 -22.03
CA PRO A 142 -10.83 -5.83 -23.06
C PRO A 142 -12.18 -5.24 -23.42
N GLU A 143 -13.23 -6.02 -23.24
CA GLU A 143 -14.59 -5.52 -23.39
C GLU A 143 -14.85 -4.35 -22.40
N ASN A 144 -14.08 -4.28 -21.32
CA ASN A 144 -14.25 -3.27 -20.29
C ASN A 144 -13.43 -2.02 -20.54
N VAL A 145 -12.77 -1.99 -21.70
CA VAL A 145 -11.99 -0.81 -22.07
C VAL A 145 -12.82 0.09 -22.96
N LEU A 146 -13.13 1.31 -22.51
CA LEU A 146 -13.88 2.20 -23.36
C LEU A 146 -12.95 3.25 -23.92
N LEU A 147 -13.49 4.06 -24.83
CA LEU A 147 -12.73 5.13 -25.44
C LEU A 147 -13.61 6.37 -25.50
N ASP A 148 -13.22 7.43 -24.79
CA ASP A 148 -14.07 8.62 -24.67
C ASP A 148 -14.08 9.49 -25.93
N ALA A 149 -14.80 10.61 -25.84
CA ALA A 149 -14.87 11.57 -26.92
C ALA A 149 -13.50 12.22 -27.22
N HIS A 150 -12.62 12.19 -26.22
CA HIS A 150 -11.30 12.80 -26.36
C HIS A 150 -10.26 11.78 -26.83
N MET A 151 -10.74 10.59 -27.16
CA MET A 151 -9.92 9.49 -27.65
C MET A 151 -8.92 8.99 -26.60
N ASN A 152 -9.34 8.96 -25.34
CA ASN A 152 -8.52 8.42 -24.26
C ASN A 152 -9.10 7.14 -23.68
N ALA A 153 -8.25 6.12 -23.53
CA ALA A 153 -8.71 4.83 -23.02
C ALA A 153 -9.11 4.93 -21.54
N LYS A 154 -10.22 4.27 -21.20
CA LYS A 154 -10.68 4.20 -19.81
C LYS A 154 -11.23 2.82 -19.47
N ILE A 155 -10.65 2.21 -18.44
CA ILE A 155 -11.06 0.88 -17.98
C ILE A 155 -12.31 0.97 -17.10
N ALA A 156 -13.37 0.26 -17.49
CA ALA A 156 -14.68 0.37 -16.87
C ALA A 156 -14.79 -0.32 -15.53
N ASP A 157 -14.19 -1.51 -15.40
CA ASP A 157 -14.33 -2.28 -14.19
C ASP A 157 -13.20 -1.93 -13.21
N PHE A 158 -13.53 -1.15 -12.17
CA PHE A 158 -12.60 -0.85 -11.09
C PHE A 158 -12.89 -1.69 -9.85
N GLY A 159 -13.65 -2.77 -10.00
CA GLY A 159 -13.99 -3.60 -8.85
C GLY A 159 -15.44 -3.91 -8.51
N LEU A 160 -16.40 -3.41 -9.28
CA LEU A 160 -17.77 -3.95 -9.19
C LEU A 160 -18.17 -4.63 -10.48
N SER A 161 -18.34 -3.85 -11.53
CA SER A 161 -18.88 -4.36 -12.79
C SER A 161 -18.50 -3.38 -13.87
N ASN A 162 -18.59 -3.79 -15.12
CA ASN A 162 -18.51 -2.77 -16.15
C ASN A 162 -19.86 -2.14 -15.92
N MET A 163 -19.86 -0.96 -15.30
CA MET A 163 -21.10 -0.39 -14.80
C MET A 163 -21.83 0.30 -15.94
N MET A 164 -21.07 0.73 -16.94
CA MET A 164 -21.61 1.61 -17.94
C MET A 164 -22.65 1.04 -18.92
N SER A 165 -22.43 -0.17 -19.42
CA SER A 165 -23.14 -0.59 -20.63
C SER A 165 -23.70 -2.00 -20.61
N ASP A 166 -24.83 -2.17 -21.31
CA ASP A 166 -25.47 -3.47 -21.47
C ASP A 166 -25.10 -4.01 -22.85
N SER A 176 -18.23 -10.89 -31.85
CA SER A 176 -17.68 -10.79 -30.50
C SER A 176 -17.01 -12.10 -30.05
N PRO A 177 -15.97 -12.58 -30.78
CA PRO A 177 -15.26 -13.80 -30.37
C PRO A 177 -14.43 -13.59 -29.09
N ASN A 178 -14.25 -14.63 -28.28
CA ASN A 178 -13.55 -14.40 -27.04
C ASN A 178 -12.28 -15.23 -26.88
N TYR A 179 -11.24 -14.48 -26.59
CA TYR A 179 -9.87 -14.90 -26.39
C TYR A 179 -9.84 -15.10 -24.89
N ALA A 180 -9.03 -16.03 -24.44
CA ALA A 180 -8.63 -16.06 -23.05
C ALA A 180 -7.24 -16.60 -23.02
N ALA A 181 -6.47 -16.25 -22.00
CA ALA A 181 -5.10 -16.71 -21.92
C ALA A 181 -5.10 -18.24 -21.86
N PRO A 182 -4.04 -18.87 -22.37
CA PRO A 182 -3.91 -20.31 -22.41
C PRO A 182 -4.22 -20.94 -21.06
N GLU A 183 -3.66 -20.37 -19.98
CA GLU A 183 -3.88 -20.89 -18.65
C GLU A 183 -5.35 -20.77 -18.23
N VAL A 184 -6.05 -19.75 -18.75
CA VAL A 184 -7.45 -19.52 -18.39
C VAL A 184 -8.33 -20.49 -19.12
N ILE A 185 -8.04 -20.70 -20.41
CA ILE A 185 -8.82 -21.61 -21.25
C ILE A 185 -8.74 -23.05 -20.76
N SER A 186 -7.57 -23.47 -20.27
CA SER A 186 -7.40 -24.83 -19.78
C SER A 186 -7.85 -24.98 -18.31
N GLY A 187 -8.28 -23.87 -17.72
CA GLY A 187 -8.80 -23.86 -16.37
C GLY A 187 -7.80 -24.12 -15.27
N ARG A 188 -6.54 -23.78 -15.49
CA ARG A 188 -5.49 -24.05 -14.51
C ARG A 188 -5.29 -22.85 -13.61
N LEU A 189 -4.50 -23.06 -12.56
CA LEU A 189 -4.26 -22.05 -11.53
C LEU A 189 -3.39 -20.90 -12.07
N TYR A 190 -3.76 -19.66 -11.77
CA TYR A 190 -2.96 -18.50 -12.20
C TYR A 190 -3.05 -17.31 -11.26
N ALA A 191 -2.00 -16.49 -11.28
CA ALA A 191 -1.92 -15.30 -10.43
C ALA A 191 -2.73 -14.15 -10.99
N GLY A 192 -2.70 -13.98 -12.30
CA GLY A 192 -3.51 -12.99 -12.99
C GLY A 192 -2.86 -11.73 -13.53
N PRO A 193 -1.75 -11.26 -12.94
CA PRO A 193 -1.02 -10.24 -13.71
C PRO A 193 -0.45 -10.81 -14.98
N GLU A 194 -0.09 -12.09 -14.91
CA GLU A 194 0.36 -12.86 -16.06
C GLU A 194 -0.66 -12.83 -17.19
N VAL A 195 -1.92 -13.13 -16.86
CA VAL A 195 -2.95 -13.17 -17.89
C VAL A 195 -3.31 -11.76 -18.35
N ASP A 196 -3.12 -10.79 -17.46
CA ASP A 196 -3.38 -9.40 -17.80
C ASP A 196 -2.40 -8.94 -18.86
N ILE A 197 -1.15 -9.38 -18.76
CA ILE A 197 -0.16 -9.11 -19.78
C ILE A 197 -0.57 -9.74 -21.11
N TRP A 198 -0.97 -10.99 -21.04
CA TRP A 198 -1.44 -11.70 -22.23
C TRP A 198 -2.67 -11.00 -22.82
N SER A 199 -3.61 -10.64 -21.96
CA SER A 199 -4.81 -9.92 -22.36
C SER A 199 -4.47 -8.58 -23.04
N SER A 200 -3.54 -7.83 -22.44
CA SER A 200 -3.10 -6.56 -22.99
C SER A 200 -2.34 -6.78 -24.29
N GLY A 201 -1.85 -8.00 -24.50
CA GLY A 201 -1.15 -8.32 -25.73
C GLY A 201 -2.09 -8.34 -26.92
N VAL A 202 -3.25 -8.97 -26.75
CA VAL A 202 -4.22 -9.04 -27.82
C VAL A 202 -4.85 -7.68 -28.09
N ILE A 203 -4.88 -6.83 -27.07
CA ILE A 203 -5.39 -5.47 -27.24
C ILE A 203 -4.42 -4.67 -28.10
N LEU A 204 -3.14 -4.73 -27.72
CA LEU A 204 -2.09 -4.05 -28.48
C LEU A 204 -2.09 -4.51 -29.92
N TYR A 205 -2.27 -5.81 -30.14
CA TYR A 205 -2.35 -6.37 -31.47
C TYR A 205 -3.57 -5.81 -32.20
N ALA A 206 -4.69 -5.73 -31.50
CA ALA A 206 -5.93 -5.22 -32.10
C ALA A 206 -5.81 -3.78 -32.61
N LEU A 207 -5.05 -2.97 -31.91
CA LEU A 207 -4.86 -1.58 -32.28
C LEU A 207 -4.09 -1.45 -33.57
N LEU A 208 -3.07 -2.28 -33.71
CA LEU A 208 -2.20 -2.26 -34.88
C LEU A 208 -2.82 -2.97 -36.08
N CYS A 209 -3.55 -4.05 -35.81
CA CYS A 209 -4.13 -4.88 -36.86
C CYS A 209 -5.61 -4.61 -37.14
N GLY A 210 -6.44 -4.63 -36.12
CA GLY A 210 -7.89 -4.46 -36.29
C GLY A 210 -8.59 -5.80 -36.30
N THR A 211 -7.84 -6.82 -35.92
CA THR A 211 -8.35 -8.18 -35.75
C THR A 211 -7.62 -8.80 -34.55
N LEU A 212 -8.09 -9.95 -34.09
CA LEU A 212 -7.44 -10.64 -32.99
C LEU A 212 -6.33 -11.55 -33.56
N PRO A 213 -5.25 -11.74 -32.79
CA PRO A 213 -4.04 -12.49 -33.20
C PRO A 213 -4.28 -13.97 -33.49
N PHE A 214 -5.26 -14.58 -32.82
CA PHE A 214 -5.58 -15.98 -33.06
C PHE A 214 -6.99 -16.20 -33.56
N ASP A 215 -7.97 -15.74 -32.81
CA ASP A 215 -9.36 -16.05 -33.10
C ASP A 215 -9.86 -15.63 -34.49
N ASP A 216 -10.02 -16.64 -35.35
CA ASP A 216 -10.70 -16.52 -36.64
C ASP A 216 -11.97 -17.35 -36.57
N ASP A 217 -12.15 -18.01 -35.43
CA ASP A 217 -12.98 -19.20 -35.35
C ASP A 217 -14.11 -19.12 -34.33
N HIS A 218 -14.73 -20.28 -34.15
CA HIS A 218 -15.66 -20.51 -33.05
C HIS A 218 -14.82 -21.35 -32.09
N VAL A 219 -15.41 -21.80 -31.01
CA VAL A 219 -14.66 -22.18 -29.80
C VAL A 219 -13.57 -23.32 -29.80
N PRO A 220 -13.82 -24.53 -30.34
CA PRO A 220 -12.74 -25.54 -30.26
C PRO A 220 -11.31 -25.22 -30.75
N THR A 221 -11.13 -24.68 -31.96
CA THR A 221 -9.78 -24.46 -32.50
C THR A 221 -9.02 -23.27 -31.92
N LEU A 222 -9.74 -22.36 -31.26
CA LEU A 222 -9.14 -21.17 -30.64
C LEU A 222 -8.07 -21.44 -29.59
N PHE A 223 -8.03 -22.68 -29.10
CA PHE A 223 -7.22 -23.03 -27.94
C PHE A 223 -5.72 -23.08 -28.25
N LYS A 224 -5.40 -24.07 -29.07
CA LYS A 224 -4.11 -24.41 -29.57
C LYS A 224 -3.51 -23.34 -30.51
N LYS A 225 -4.38 -22.44 -30.98
CA LYS A 225 -4.04 -21.38 -31.89
C LYS A 225 -3.02 -20.42 -31.27
N ILE A 230 3.28 -19.23 -34.19
CA ILE A 230 2.87 -18.07 -33.38
C ILE A 230 1.57 -17.45 -33.92
N PHE A 231 1.68 -16.23 -34.43
CA PHE A 231 0.55 -15.44 -34.92
C PHE A 231 0.98 -14.62 -36.16
N TYR A 232 0.00 -14.24 -36.97
CA TYR A 232 0.27 -13.51 -38.21
C TYR A 232 0.82 -12.11 -37.93
N THR A 233 1.70 -11.69 -38.83
CA THR A 233 2.43 -10.42 -38.73
C THR A 233 2.26 -9.59 -40.03
N PRO A 234 1.31 -8.64 -40.01
CA PRO A 234 0.98 -7.72 -41.12
C PRO A 234 2.20 -6.98 -41.64
N GLN A 235 2.10 -6.47 -42.87
CA GLN A 235 3.26 -6.05 -43.67
C GLN A 235 4.22 -5.08 -43.00
N TYR A 236 3.75 -3.93 -42.57
CA TYR A 236 4.66 -3.02 -41.91
C TYR A 236 4.34 -3.17 -40.44
N LEU A 237 5.20 -3.91 -39.76
CA LEU A 237 5.23 -3.92 -38.33
C LEU A 237 6.71 -3.92 -38.10
N ASN A 238 7.24 -2.88 -37.46
CA ASN A 238 8.66 -2.83 -37.31
C ASN A 238 9.05 -3.95 -36.36
N PRO A 239 10.24 -4.52 -36.55
CA PRO A 239 10.70 -5.65 -35.72
C PRO A 239 10.72 -5.31 -34.22
N SER A 240 10.69 -4.03 -33.88
CA SER A 240 10.66 -3.62 -32.48
C SER A 240 9.35 -3.98 -31.80
N VAL A 241 8.23 -3.71 -32.45
CA VAL A 241 6.92 -4.01 -31.87
C VAL A 241 6.58 -5.50 -31.94
N ILE A 242 7.16 -6.21 -32.91
CA ILE A 242 6.91 -7.65 -33.04
C ILE A 242 7.60 -8.42 -31.90
N SER A 243 8.74 -7.93 -31.46
CA SER A 243 9.43 -8.56 -30.34
C SER A 243 8.63 -8.40 -29.05
N LEU A 244 8.08 -7.21 -28.85
CA LEU A 244 7.23 -6.92 -27.68
C LEU A 244 5.98 -7.81 -27.65
N LEU A 245 5.21 -7.79 -28.75
CA LEU A 245 4.01 -8.60 -28.86
C LEU A 245 4.30 -10.08 -28.66
N LYS A 246 5.45 -10.51 -29.14
CA LYS A 246 5.89 -11.89 -29.04
C LYS A 246 6.16 -12.27 -27.58
N HIS A 247 6.67 -11.31 -26.81
CA HIS A 247 7.04 -11.54 -25.41
C HIS A 247 5.79 -11.57 -24.55
N MET A 248 4.83 -10.71 -24.90
CA MET A 248 3.58 -10.61 -24.17
C MET A 248 2.67 -11.79 -24.42
N LEU A 249 2.75 -12.35 -25.63
CA LEU A 249 1.84 -13.42 -26.07
C LEU A 249 2.40 -14.82 -25.87
N GLN A 250 3.51 -14.92 -25.14
CA GLN A 250 4.07 -16.21 -24.78
C GLN A 250 3.03 -17.14 -24.16
N VAL A 251 2.97 -18.37 -24.68
CA VAL A 251 2.04 -19.37 -24.20
C VAL A 251 2.44 -19.84 -22.79
N ASP A 252 3.73 -19.86 -22.52
CA ASP A 252 4.23 -20.26 -21.20
C ASP A 252 4.31 -19.01 -20.33
N PRO A 253 3.50 -18.95 -19.26
CA PRO A 253 3.44 -17.81 -18.35
C PRO A 253 4.79 -17.57 -17.65
N MET A 254 5.56 -18.63 -17.42
CA MET A 254 6.88 -18.50 -16.82
C MET A 254 7.84 -17.79 -17.79
N LYS A 255 7.54 -17.85 -19.08
CA LYS A 255 8.31 -17.12 -20.09
C LYS A 255 7.68 -15.79 -20.50
N ARG A 256 6.50 -15.48 -19.98
CA ARG A 256 5.73 -14.33 -20.46
C ARG A 256 6.26 -13.03 -19.88
N ALA A 257 6.09 -11.96 -20.64
CA ALA A 257 6.50 -10.62 -20.24
C ALA A 257 5.81 -10.16 -18.95
N SER A 258 6.52 -9.35 -18.17
CA SER A 258 5.95 -8.79 -16.98
C SER A 258 5.79 -7.28 -17.21
N ILE A 259 5.01 -6.63 -16.37
CA ILE A 259 4.78 -5.19 -16.49
C ILE A 259 6.09 -4.43 -16.59
N LYS A 260 7.05 -4.78 -15.75
CA LYS A 260 8.36 -4.13 -15.76
C LYS A 260 9.13 -4.38 -17.08
N ASP A 261 8.93 -5.55 -17.68
CA ASP A 261 9.55 -5.85 -18.97
C ASP A 261 9.03 -4.91 -20.05
N ILE A 262 7.71 -4.74 -20.11
CA ILE A 262 7.10 -3.82 -21.06
C ILE A 262 7.57 -2.38 -20.82
N ARG A 263 7.66 -1.98 -19.55
CA ARG A 263 8.08 -0.65 -19.18
C ARG A 263 9.47 -0.34 -19.72
N GLU A 264 10.31 -1.36 -19.77
CA GLU A 264 11.70 -1.21 -20.21
C GLU A 264 11.90 -1.52 -21.68
N HIS A 265 10.81 -1.82 -22.39
CA HIS A 265 10.89 -2.15 -23.81
C HIS A 265 10.99 -0.88 -24.63
N GLU A 266 11.85 -0.93 -25.65
CA GLU A 266 12.13 0.24 -26.47
C GLU A 266 10.91 0.85 -27.14
N TRP A 267 10.07 0.01 -27.73
CA TRP A 267 8.87 0.47 -28.40
C TRP A 267 7.92 1.19 -27.44
N PHE A 268 7.87 0.70 -26.21
CA PHE A 268 7.01 1.29 -25.19
C PHE A 268 7.53 2.64 -24.69
N LYS A 269 8.85 2.75 -24.55
CA LYS A 269 9.48 3.94 -23.95
C LYS A 269 9.32 5.20 -24.80
N GLN A 270 8.92 5.04 -26.04
CA GLN A 270 8.79 6.16 -26.97
C GLN A 270 7.61 7.08 -26.64
N ASP A 271 7.89 8.37 -26.52
CA ASP A 271 6.86 9.39 -26.23
C ASP A 271 5.97 9.00 -25.06
N LEU A 272 6.60 8.50 -23.99
CA LEU A 272 5.89 8.03 -22.80
C LEU A 272 5.64 9.19 -21.86
N PRO A 273 4.37 9.55 -21.66
CA PRO A 273 3.94 10.61 -20.76
C PRO A 273 4.47 10.41 -19.34
N LYS A 274 4.88 11.51 -18.72
CA LYS A 274 5.57 11.48 -17.43
C LYS A 274 4.70 10.89 -16.31
N TYR A 275 3.47 11.39 -16.24
CA TYR A 275 2.51 11.05 -15.17
C TYR A 275 2.05 9.59 -15.13
N LEU A 276 2.27 8.87 -16.23
CA LEU A 276 1.72 7.53 -16.37
C LEU A 276 2.14 6.56 -15.27
N PHE A 277 3.42 6.34 -15.07
CA PHE A 277 3.87 5.41 -14.05
C PHE A 277 4.61 6.08 -12.90
N PRO A 278 4.47 5.55 -11.68
CA PRO A 278 5.22 6.11 -10.57
C PRO A 278 6.70 5.78 -10.71
N GLU A 279 7.56 6.58 -10.13
CA GLU A 279 8.98 6.22 -10.11
C GLU A 279 9.48 5.60 -8.76
N ASP A 280 9.49 4.27 -8.65
CA ASP A 280 10.33 3.57 -7.67
C ASP A 280 11.12 2.38 -8.12
N PRO A 281 11.68 2.37 -9.34
CA PRO A 281 12.55 1.20 -9.56
C PRO A 281 13.90 1.43 -8.89
N SER A 282 14.44 0.44 -8.18
CA SER A 282 15.73 0.59 -7.55
C SER A 282 16.73 -0.03 -8.47
N TYR A 283 17.58 0.83 -8.95
CA TYR A 283 18.25 0.52 -10.15
C TYR A 283 19.78 0.39 -10.16
N SER A 284 20.57 1.45 -9.92
CA SER A 284 22.01 1.32 -9.98
C SER A 284 22.70 1.65 -8.65
N THR A 285 22.97 2.94 -8.43
CA THR A 285 23.75 3.35 -7.26
C THR A 285 23.00 3.01 -5.98
N THR A 286 21.68 3.09 -6.02
CA THR A 286 20.91 2.77 -4.85
C THR A 286 20.88 1.25 -4.63
N MET A 287 21.03 0.47 -5.69
CA MET A 287 21.23 -0.97 -5.48
C MET A 287 22.63 -1.38 -5.25
N ILE A 288 23.57 -0.78 -5.96
CA ILE A 288 24.86 -1.40 -6.11
C ILE A 288 25.42 -1.72 -4.75
N ASP A 289 25.59 -3.02 -4.52
CA ASP A 289 26.46 -3.47 -3.49
C ASP A 289 27.38 -4.36 -4.25
N ASP A 290 28.61 -3.94 -4.45
CA ASP A 290 29.53 -4.76 -5.22
C ASP A 290 29.84 -5.99 -4.36
N GLU A 291 30.05 -5.76 -3.07
CA GLU A 291 30.40 -6.82 -2.15
C GLU A 291 29.29 -7.88 -2.04
N ALA A 292 28.03 -7.52 -1.72
CA ALA A 292 27.02 -8.58 -1.60
C ALA A 292 26.66 -9.18 -2.90
N LEU A 293 26.73 -8.41 -3.96
CA LEU A 293 26.38 -8.92 -5.29
C LEU A 293 27.08 -10.22 -5.59
N LYS A 294 28.40 -10.18 -5.53
CA LYS A 294 29.21 -11.31 -5.89
C LYS A 294 29.23 -12.33 -4.76
N GLU A 295 29.23 -11.83 -3.52
CA GLU A 295 29.35 -12.72 -2.37
C GLU A 295 28.24 -13.77 -2.33
N VAL A 296 27.01 -13.34 -2.56
CA VAL A 296 25.88 -14.25 -2.67
C VAL A 296 26.15 -15.17 -3.85
N CYS A 297 26.52 -14.58 -4.99
CA CYS A 297 26.84 -15.33 -6.21
C CYS A 297 27.96 -16.35 -6.00
N GLU A 298 28.85 -16.09 -5.04
CA GLU A 298 29.89 -17.07 -4.70
C GLU A 298 29.36 -18.20 -3.81
N LYS A 299 28.86 -17.85 -2.62
CA LYS A 299 28.40 -18.83 -1.64
C LYS A 299 27.27 -19.70 -2.19
N PHE A 300 26.34 -19.08 -2.89
CA PHE A 300 25.35 -19.84 -3.63
C PHE A 300 25.98 -19.93 -5.00
N GLU A 301 25.81 -21.03 -5.72
CA GLU A 301 26.38 -21.06 -7.06
C GLU A 301 25.29 -20.79 -8.10
N CYS A 302 25.33 -19.57 -8.64
CA CYS A 302 24.26 -18.97 -9.39
C CYS A 302 24.87 -17.75 -10.07
N SER A 303 24.04 -16.94 -10.72
CA SER A 303 24.58 -15.77 -11.39
C SER A 303 24.02 -14.48 -10.84
N GLU A 304 24.60 -13.37 -11.29
CA GLU A 304 24.22 -12.05 -10.83
C GLU A 304 22.79 -11.76 -11.27
N GLU A 305 22.48 -12.14 -12.50
CA GLU A 305 21.15 -11.94 -13.05
C GLU A 305 20.05 -12.50 -12.13
N GLU A 306 20.23 -13.72 -11.64
CA GLU A 306 19.24 -14.34 -10.75
C GLU A 306 19.00 -13.58 -9.46
N VAL A 307 20.07 -13.15 -8.81
CA VAL A 307 19.96 -12.43 -7.54
C VAL A 307 19.31 -11.08 -7.78
N LEU A 308 19.77 -10.41 -8.84
CA LEU A 308 19.23 -9.13 -9.22
C LEU A 308 17.71 -9.23 -9.40
N SER A 309 17.27 -10.29 -10.08
CA SER A 309 15.86 -10.51 -10.39
C SER A 309 14.95 -10.55 -9.16
N CYS A 310 15.41 -11.23 -8.10
CA CYS A 310 14.65 -11.35 -6.86
C CYS A 310 14.49 -10.01 -6.14
N LEU A 311 15.57 -9.22 -6.14
CA LEU A 311 15.58 -7.94 -5.45
C LEU A 311 14.65 -6.92 -6.08
N TYR A 312 14.59 -6.91 -7.42
CA TYR A 312 13.73 -5.98 -8.14
C TYR A 312 12.27 -6.28 -7.88
N ASN A 313 11.96 -7.56 -7.73
CA ASN A 313 10.60 -7.98 -7.46
C ASN A 313 10.36 -8.04 -5.96
N ARG A 314 9.18 -8.48 -5.56
CA ARG A 314 8.87 -8.63 -4.14
C ARG A 314 9.28 -10.02 -3.66
N ASN A 315 10.28 -10.59 -4.33
CA ASN A 315 10.70 -11.96 -4.07
C ASN A 315 11.67 -12.07 -2.89
N HIS A 316 11.62 -11.09 -1.99
CA HIS A 316 12.56 -11.03 -0.87
C HIS A 316 12.61 -12.32 -0.04
N GLN A 317 11.58 -13.13 -0.20
CA GLN A 317 11.49 -14.40 0.52
C GLN A 317 12.38 -15.48 -0.10
N ASP A 318 12.98 -15.17 -1.25
CA ASP A 318 13.91 -16.10 -1.86
C ASP A 318 15.18 -16.13 -1.01
N PRO A 319 15.69 -17.33 -0.71
CA PRO A 319 16.89 -17.49 0.09
C PRO A 319 18.11 -16.68 -0.42
N LEU A 320 18.12 -16.35 -1.69
CA LEU A 320 19.16 -15.49 -2.25
C LEU A 320 18.98 -14.07 -1.74
N ALA A 321 17.74 -13.59 -1.78
CA ALA A 321 17.44 -12.25 -1.31
C ALA A 321 17.60 -12.15 0.21
N VAL A 322 17.21 -13.21 0.90
CA VAL A 322 17.32 -13.26 2.35
C VAL A 322 18.80 -13.19 2.74
N ALA A 323 19.65 -13.91 2.01
CA ALA A 323 21.07 -13.92 2.29
C ALA A 323 21.65 -12.53 2.04
N TYR A 324 21.33 -11.97 0.87
CA TYR A 324 21.79 -10.64 0.48
C TYR A 324 21.42 -9.59 1.52
N HIS A 325 20.20 -9.64 2.02
CA HIS A 325 19.72 -8.69 3.00
C HIS A 325 20.43 -8.88 4.31
N LEU A 326 20.67 -10.14 4.69
CA LEU A 326 21.43 -10.42 5.91
C LEU A 326 22.81 -9.78 5.87
N ILE A 327 23.40 -9.78 4.68
CA ILE A 327 24.72 -9.21 4.47
C ILE A 327 24.64 -7.68 4.50
N ILE A 328 23.64 -7.14 3.83
CA ILE A 328 23.39 -5.69 3.78
C ILE A 328 23.14 -5.06 5.16
N ASP A 329 22.26 -5.66 5.94
CA ASP A 329 21.81 -5.08 7.22
C ASP A 329 22.91 -5.13 8.26
N ASN A 330 23.89 -6.00 8.06
CA ASN A 330 25.02 -6.12 8.99
C ASN A 330 26.28 -5.36 8.54
N ARG A 331 26.10 -4.45 7.58
CA ARG A 331 27.20 -3.60 7.13
C ARG A 331 27.63 -2.65 8.25
N ARG A 332 28.82 -2.07 8.10
CA ARG A 332 29.37 -1.14 9.09
C ARG A 332 28.88 0.30 8.93
N ILE A 333 29.38 0.99 7.91
CA ILE A 333 28.77 2.27 7.54
C ILE A 333 28.49 2.35 6.07
N MET A 334 27.24 2.16 5.72
CA MET A 334 26.81 2.45 4.39
C MET A 334 25.35 2.92 4.55
N ASN A 335 24.98 4.20 4.38
CA ASN A 335 23.55 4.56 4.54
C ASN A 335 22.87 4.62 3.25
N GLU A 336 23.64 4.79 2.19
CA GLU A 336 23.02 5.15 0.93
C GLU A 336 22.24 3.99 0.31
N ALA A 337 22.86 2.83 0.25
CA ALA A 337 22.18 1.65 -0.28
C ALA A 337 21.35 0.94 0.80
N LYS A 338 21.91 0.83 1.99
CA LYS A 338 21.36 -0.06 3.03
C LYS A 338 19.94 0.30 3.49
N ASP A 339 19.78 1.49 4.06
CA ASP A 339 18.49 1.89 4.63
C ASP A 339 17.64 2.83 3.78
N PHE A 340 18.16 3.34 2.67
CA PHE A 340 17.43 4.40 1.96
C PHE A 340 16.23 3.88 1.18
N TYR A 341 16.28 2.55 0.98
CA TYR A 341 15.32 1.70 0.28
C TYR A 341 14.50 1.03 1.36
N LEU A 342 13.35 1.61 1.67
CA LEU A 342 12.53 1.12 2.78
C LEU A 342 11.46 2.15 3.01
N ALA A 343 10.91 2.58 1.90
CA ALA A 343 9.81 3.52 1.81
C ALA A 343 8.69 2.90 0.97
N THR A 344 8.95 1.70 0.43
CA THR A 344 8.08 1.06 -0.57
C THR A 344 6.94 0.22 -0.01
N SER A 345 7.24 -1.00 0.42
CA SER A 345 6.33 -1.87 1.17
C SER A 345 7.03 -3.23 1.38
N PRO A 346 6.66 -3.96 2.43
CA PRO A 346 7.13 -5.33 2.58
C PRO A 346 6.26 -6.34 1.81
N PRO A 347 6.85 -7.45 1.32
CA PRO A 347 6.01 -8.50 0.76
C PRO A 347 5.66 -9.50 1.85
N ASP A 348 4.88 -10.53 1.52
CA ASP A 348 4.38 -11.45 2.53
C ASP A 348 4.90 -12.86 2.31
N SER A 349 4.78 -13.69 3.34
CA SER A 349 5.21 -15.08 3.26
C SER A 349 4.05 -15.98 2.85
N SER B 10 23.92 -31.67 14.36
CA SER B 10 23.44 -30.27 14.42
C SER B 10 21.91 -30.24 14.41
N VAL B 11 21.37 -29.08 14.78
CA VAL B 11 19.95 -28.80 14.59
C VAL B 11 19.87 -27.78 13.46
N LYS B 12 19.42 -28.20 12.28
CA LYS B 12 19.43 -27.30 11.14
C LYS B 12 18.12 -27.23 10.40
N ILE B 13 17.66 -26.01 10.15
CA ILE B 13 16.47 -25.78 9.35
C ILE B 13 16.82 -24.82 8.23
N GLY B 14 16.53 -25.22 6.99
CA GLY B 14 16.89 -24.40 5.84
C GLY B 14 18.39 -24.11 5.82
N HIS B 15 18.71 -22.83 5.71
CA HIS B 15 20.10 -22.36 5.69
C HIS B 15 20.58 -21.99 7.09
N TYR B 16 19.79 -22.32 8.11
CA TYR B 16 20.08 -21.87 9.46
C TYR B 16 20.37 -23.02 10.41
N ILE B 17 21.44 -22.86 11.20
CA ILE B 17 21.79 -23.84 12.22
C ILE B 17 21.38 -23.36 13.60
N LEU B 18 20.49 -24.13 14.25
CA LEU B 18 19.96 -23.74 15.56
C LEU B 18 20.98 -23.96 16.69
N GLY B 19 20.78 -23.21 17.77
CA GLY B 19 21.71 -23.10 18.87
C GLY B 19 21.00 -23.05 20.22
N ASP B 20 21.67 -22.43 21.21
CA ASP B 20 21.12 -22.28 22.55
C ASP B 20 19.71 -21.71 22.59
N THR B 21 18.90 -22.24 23.50
CA THR B 21 17.55 -21.75 23.74
C THR B 21 17.54 -20.41 24.49
N LEU B 22 16.98 -19.38 23.86
CA LEU B 22 16.92 -18.03 24.44
C LEU B 22 15.71 -17.79 25.31
N GLY B 23 14.69 -18.61 25.14
CA GLY B 23 13.46 -18.46 25.92
C GLY B 23 12.42 -19.42 25.41
N VAL B 24 11.40 -19.67 26.24
CA VAL B 24 10.35 -20.61 25.87
C VAL B 24 8.98 -19.96 25.96
N GLY B 25 8.19 -20.13 24.91
CA GLY B 25 6.82 -19.61 24.88
C GLY B 25 5.84 -20.75 25.09
N THR B 26 4.55 -20.42 25.10
CA THR B 26 3.51 -21.42 25.20
C THR B 26 3.56 -22.36 23.99
N PHE B 27 3.78 -21.80 22.81
CA PHE B 27 3.75 -22.55 21.57
C PHE B 27 5.12 -22.99 21.02
N GLY B 28 6.18 -22.70 21.77
CA GLY B 28 7.49 -23.13 21.33
C GLY B 28 8.62 -22.28 21.87
N LYS B 29 9.86 -22.65 21.57
CA LYS B 29 11.01 -21.95 22.13
C LYS B 29 11.60 -20.99 21.10
N VAL B 30 12.56 -20.18 21.54
CA VAL B 30 13.31 -19.32 20.63
C VAL B 30 14.80 -19.68 20.75
N LYS B 31 15.36 -20.25 19.70
CA LYS B 31 16.74 -20.66 19.71
C LYS B 31 17.60 -19.69 18.91
N VAL B 32 18.84 -19.52 19.33
CA VAL B 32 19.80 -18.73 18.55
C VAL B 32 20.17 -19.54 17.32
N GLY B 33 20.43 -18.85 16.22
CA GLY B 33 20.79 -19.53 15.01
C GLY B 33 21.81 -18.74 14.24
N LYS B 34 22.42 -19.39 13.25
CA LYS B 34 23.33 -18.70 12.37
C LYS B 34 23.16 -19.21 10.96
N HIS B 35 23.20 -18.30 10.00
CA HIS B 35 23.10 -18.66 8.60
C HIS B 35 24.30 -19.54 8.26
N GLU B 36 24.06 -20.70 7.65
CA GLU B 36 25.15 -21.66 7.42
C GLU B 36 26.17 -21.13 6.41
N LEU B 37 25.74 -20.21 5.55
CA LEU B 37 26.62 -19.61 4.54
C LEU B 37 27.25 -18.26 4.93
N THR B 38 26.44 -17.23 5.14
CA THR B 38 26.97 -15.91 5.51
C THR B 38 27.45 -15.77 6.97
N GLY B 39 27.13 -16.75 7.80
CA GLY B 39 27.55 -16.74 9.21
C GLY B 39 26.86 -15.76 10.15
N HIS B 40 25.95 -14.96 9.62
CA HIS B 40 25.25 -13.95 10.44
C HIS B 40 24.41 -14.64 11.49
N ALA B 41 24.33 -14.06 12.68
CA ALA B 41 23.55 -14.66 13.76
C ALA B 41 22.11 -14.15 13.74
N VAL B 42 21.16 -15.03 14.08
CA VAL B 42 19.75 -14.65 14.14
C VAL B 42 19.02 -15.27 15.33
N ALA B 43 17.76 -14.86 15.52
CA ALA B 43 16.90 -15.44 16.51
C ALA B 43 15.71 -16.13 15.83
N VAL B 44 15.60 -17.43 16.02
CA VAL B 44 14.60 -18.23 15.33
C VAL B 44 13.51 -18.69 16.29
N LYS B 45 12.28 -18.22 16.05
CA LYS B 45 11.14 -18.66 16.84
C LYS B 45 10.54 -19.91 16.24
N ILE B 46 10.49 -20.98 17.02
CA ILE B 46 9.94 -22.23 16.57
C ILE B 46 8.53 -22.43 17.14
N LEU B 47 7.51 -22.32 16.29
CA LEU B 47 6.13 -22.51 16.70
C LEU B 47 5.68 -23.92 16.35
N ASN B 48 5.15 -24.64 17.34
CA ASN B 48 4.78 -26.03 17.15
C ASN B 48 3.33 -26.13 16.68
N ARG B 49 3.13 -26.71 15.50
CA ARG B 49 1.80 -26.84 14.92
C ARG B 49 0.81 -27.59 15.82
N GLN B 50 1.32 -28.53 16.58
CA GLN B 50 0.45 -29.34 17.43
C GLN B 50 -0.10 -28.50 18.59
N LYS B 51 0.79 -27.79 19.27
CA LYS B 51 0.41 -26.88 20.35
C LYS B 51 -0.59 -25.83 19.88
N ILE B 52 -0.35 -25.26 18.70
CA ILE B 52 -1.24 -24.25 18.14
C ILE B 52 -2.63 -24.80 17.87
N ARG B 53 -2.69 -25.97 17.23
CA ARG B 53 -3.96 -26.62 16.86
C ARG B 53 -4.82 -26.91 18.07
N SER B 54 -4.20 -27.23 19.21
CA SER B 54 -4.94 -27.63 20.39
C SER B 54 -5.49 -26.42 21.14
N LEU B 55 -4.95 -25.27 20.80
CA LEU B 55 -5.27 -24.02 21.48
C LEU B 55 -6.08 -23.09 20.59
N ASP B 56 -5.62 -22.85 19.36
CA ASP B 56 -6.25 -21.88 18.53
C ASP B 56 -7.46 -22.48 17.84
N VAL B 57 -8.63 -22.28 18.46
CA VAL B 57 -9.89 -22.85 17.95
C VAL B 57 -10.81 -21.84 17.25
N VAL B 58 -10.56 -20.55 17.42
CA VAL B 58 -11.30 -19.52 16.68
C VAL B 58 -10.43 -19.04 15.53
N GLY B 59 -9.20 -19.57 15.46
CA GLY B 59 -8.30 -19.28 14.37
C GLY B 59 -7.56 -17.97 14.49
N LYS B 60 -7.51 -17.41 15.69
CA LYS B 60 -6.81 -16.14 15.90
C LYS B 60 -5.33 -16.18 15.52
N ILE B 61 -4.61 -17.14 16.07
CA ILE B 61 -3.17 -17.29 15.81
C ILE B 61 -2.84 -17.64 14.35
N ARG B 62 -3.57 -18.58 13.75
CA ARG B 62 -3.44 -18.94 12.34
C ARG B 62 -3.48 -17.65 11.51
N ARG B 63 -4.45 -16.82 11.88
CA ARG B 63 -4.69 -15.53 11.33
C ARG B 63 -3.55 -14.52 11.50
N GLU B 64 -3.07 -14.37 12.73
CA GLU B 64 -1.99 -13.43 13.02
C GLU B 64 -0.74 -13.77 12.21
N ILE B 65 -0.49 -15.06 12.04
CA ILE B 65 0.68 -15.54 11.32
C ILE B 65 0.62 -15.29 9.81
N GLN B 66 -0.55 -15.44 9.22
CA GLN B 66 -0.72 -15.21 7.78
C GLN B 66 -0.85 -13.74 7.48
N ASN B 67 -0.90 -12.92 8.51
CA ASN B 67 -0.91 -11.47 8.35
C ASN B 67 0.48 -10.88 8.42
N LEU B 68 1.48 -11.71 8.73
CA LEU B 68 2.85 -11.24 8.82
C LEU B 68 3.38 -10.84 7.46
N LYS B 69 4.21 -9.81 7.47
CA LYS B 69 4.95 -9.39 6.29
C LYS B 69 6.42 -9.38 6.63
N LEU B 70 7.27 -9.39 5.64
CA LEU B 70 8.69 -9.40 5.91
C LEU B 70 9.10 -7.95 6.04
N PHE B 71 9.26 -7.53 7.29
CA PHE B 71 9.51 -6.13 7.59
C PHE B 71 10.97 -5.78 7.44
N ARG B 72 11.26 -4.87 6.53
CA ARG B 72 12.58 -4.27 6.49
C ARG B 72 12.45 -2.82 6.93
N HIS B 73 12.80 -2.57 8.19
CA HIS B 73 12.87 -1.23 8.74
C HIS B 73 13.94 -1.28 9.80
N PRO B 74 14.75 -0.23 9.91
CA PRO B 74 15.91 -0.31 10.82
C PRO B 74 15.52 -0.40 12.30
N HIS B 75 14.41 0.22 12.64
CA HIS B 75 13.96 0.28 14.02
C HIS B 75 12.79 -0.65 14.40
N ILE B 76 12.46 -1.59 13.52
CA ILE B 76 11.55 -2.68 13.87
C ILE B 76 12.28 -3.99 13.64
N ILE B 77 12.15 -4.95 14.57
CA ILE B 77 12.78 -6.24 14.42
C ILE B 77 12.35 -6.84 13.08
N LYS B 78 13.35 -7.23 12.30
CA LYS B 78 13.10 -7.73 10.95
C LYS B 78 12.67 -9.18 10.96
N LEU B 79 11.68 -9.51 10.14
CA LEU B 79 11.33 -10.89 9.88
C LEU B 79 11.97 -11.24 8.56
N TYR B 80 13.08 -11.98 8.60
CA TYR B 80 13.85 -12.20 7.38
C TYR B 80 13.14 -13.18 6.49
N GLN B 81 12.60 -14.24 7.09
CA GLN B 81 11.70 -15.15 6.39
C GLN B 81 11.10 -16.20 7.30
N VAL B 82 10.13 -16.91 6.76
CA VAL B 82 9.41 -17.93 7.49
C VAL B 82 9.60 -19.25 6.77
N ILE B 83 10.00 -20.27 7.53
CA ILE B 83 10.29 -21.57 6.97
C ILE B 83 9.30 -22.57 7.54
N SER B 84 8.76 -23.44 6.68
CA SER B 84 7.75 -24.39 7.13
C SER B 84 8.22 -25.85 7.04
N THR B 85 7.86 -26.62 8.08
CA THR B 85 8.08 -28.05 8.10
C THR B 85 6.74 -28.71 8.46
N PRO B 86 6.63 -30.03 8.25
CA PRO B 86 5.37 -30.69 8.59
C PRO B 86 4.88 -30.49 10.03
N SER B 87 5.75 -30.58 11.02
CA SER B 87 5.33 -30.41 12.43
C SER B 87 5.63 -29.04 13.03
N ASP B 88 6.37 -28.20 12.31
CA ASP B 88 6.79 -26.93 12.90
C ASP B 88 6.75 -25.78 11.91
N ILE B 89 6.78 -24.57 12.45
CA ILE B 89 6.95 -23.35 11.69
C ILE B 89 8.08 -22.53 12.27
N PHE B 90 8.99 -22.14 11.42
CA PHE B 90 10.16 -21.37 11.88
C PHE B 90 10.13 -19.91 11.43
N MET B 91 10.34 -18.99 12.37
CA MET B 91 10.43 -17.58 12.03
C MET B 91 11.82 -17.05 12.27
N VAL B 92 12.54 -16.74 11.19
CA VAL B 92 13.90 -16.25 11.27
C VAL B 92 13.88 -14.74 11.38
N MET B 93 14.31 -14.24 12.53
CA MET B 93 14.20 -12.82 12.81
C MET B 93 15.58 -12.19 13.02
N GLU B 94 15.61 -10.87 13.06
CA GLU B 94 16.78 -10.13 13.42
C GLU B 94 17.14 -10.44 14.89
N TYR B 95 18.43 -10.69 15.13
CA TYR B 95 18.91 -10.94 16.49
C TYR B 95 19.22 -9.62 17.17
N VAL B 96 18.52 -9.32 18.26
CA VAL B 96 18.74 -8.06 18.98
C VAL B 96 18.97 -8.32 20.46
N SER B 97 20.18 -8.10 20.95
CA SER B 97 20.39 -8.26 22.38
C SER B 97 20.52 -6.89 23.01
N GLY B 98 19.39 -6.30 23.37
CA GLY B 98 19.39 -5.04 24.10
C GLY B 98 18.66 -4.94 25.43
N GLY B 99 17.67 -5.80 25.63
CA GLY B 99 16.74 -5.62 26.74
C GLY B 99 15.81 -4.45 26.48
N GLU B 100 14.77 -4.31 27.31
CA GLU B 100 13.77 -3.24 27.15
C GLU B 100 14.34 -1.81 27.29
N LEU B 101 13.78 -0.87 26.53
CA LEU B 101 14.20 0.53 26.62
C LEU B 101 13.86 1.12 27.97
N PHE B 102 12.63 0.89 28.41
CA PHE B 102 12.16 1.39 29.71
C PHE B 102 12.91 0.76 30.87
N ASP B 103 13.58 -0.37 30.63
CA ASP B 103 14.42 -1.00 31.64
C ASP B 103 15.70 -0.20 31.77
N TYR B 104 16.22 0.25 30.63
CA TYR B 104 17.42 1.06 30.57
C TYR B 104 17.20 2.37 31.31
N ILE B 105 15.99 2.90 31.23
CA ILE B 105 15.64 4.15 31.89
C ILE B 105 15.52 3.99 33.40
N CYS B 106 15.08 2.82 33.85
CA CYS B 106 15.01 2.54 35.29
C CYS B 106 16.42 2.49 35.88
N LYS B 107 17.35 1.98 35.07
CA LYS B 107 18.74 1.83 35.45
C LYS B 107 19.53 3.12 35.31
N ASN B 108 19.58 3.66 34.10
CA ASN B 108 20.37 4.86 33.81
C ASN B 108 19.71 6.18 34.19
N GLY B 109 18.39 6.20 34.32
CA GLY B 109 17.69 7.46 34.52
C GLY B 109 17.42 8.14 33.19
N ARG B 110 17.01 9.41 33.26
CA ARG B 110 16.71 10.18 32.07
C ARG B 110 17.90 10.35 31.16
N LEU B 111 17.64 10.63 29.90
CA LEU B 111 18.71 10.90 28.94
C LEU B 111 18.75 12.39 28.63
N ASP B 112 19.76 12.81 27.86
CA ASP B 112 19.86 14.22 27.43
C ASP B 112 18.96 14.44 26.22
N GLU B 113 18.55 15.69 25.97
CA GLU B 113 17.72 16.05 24.81
C GLU B 113 18.14 15.42 23.47
N LYS B 114 19.43 15.38 23.23
CA LYS B 114 19.91 14.90 21.96
C LYS B 114 19.74 13.39 21.82
N GLU B 115 20.01 12.63 22.87
CA GLU B 115 19.82 11.19 22.81
C GLU B 115 18.33 10.86 22.88
N SER B 116 17.56 11.71 23.54
CA SER B 116 16.13 11.54 23.59
C SER B 116 15.51 11.74 22.21
N ARG B 117 15.86 12.85 21.58
CA ARG B 117 15.39 13.15 20.23
C ARG B 117 15.76 12.08 19.20
N ARG B 118 17.02 11.67 19.21
CA ARG B 118 17.51 10.64 18.29
C ARG B 118 16.65 9.38 18.41
N LEU B 119 16.56 8.84 19.63
CA LEU B 119 15.77 7.64 19.90
C LEU B 119 14.28 7.81 19.57
N PHE B 120 13.73 8.96 19.96
CA PHE B 120 12.33 9.26 19.70
C PHE B 120 12.02 9.28 18.22
N GLN B 121 12.91 9.87 17.44
CA GLN B 121 12.77 9.91 15.97
C GLN B 121 12.81 8.49 15.39
N GLN B 122 13.66 7.64 15.95
CA GLN B 122 13.74 6.24 15.54
C GLN B 122 12.44 5.49 15.84
N ILE B 123 11.97 5.58 17.08
CA ILE B 123 10.74 4.91 17.49
C ILE B 123 9.55 5.35 16.64
N LEU B 124 9.42 6.66 16.48
CA LEU B 124 8.30 7.20 15.71
C LEU B 124 8.39 6.79 14.24
N SER B 125 9.61 6.57 13.78
CA SER B 125 9.82 6.13 12.40
C SER B 125 9.21 4.75 12.20
N GLY B 126 9.43 3.86 13.15
CA GLY B 126 8.88 2.52 13.11
C GLY B 126 7.37 2.49 13.26
N VAL B 127 6.85 3.32 14.15
CA VAL B 127 5.41 3.39 14.38
C VAL B 127 4.68 3.80 13.12
N ASP B 128 5.20 4.83 12.45
CA ASP B 128 4.62 5.28 11.19
C ASP B 128 4.63 4.16 10.13
N TYR B 129 5.77 3.49 10.01
CA TYR B 129 5.93 2.37 9.10
C TYR B 129 4.90 1.28 9.37
N CYS B 130 4.67 1.00 10.64
CA CYS B 130 3.67 0.03 11.05
C CYS B 130 2.26 0.42 10.62
N HIS B 131 1.94 1.71 10.78
CA HIS B 131 0.62 2.20 10.40
C HIS B 131 0.39 1.98 8.92
N ARG B 132 1.43 2.19 8.13
CA ARG B 132 1.33 2.03 6.69
C ARG B 132 1.20 0.55 6.34
N HIS B 133 2.15 -0.25 6.80
CA HIS B 133 2.16 -1.64 6.43
C HIS B 133 1.91 -2.55 7.61
N MET B 134 0.66 -2.87 7.86
CA MET B 134 0.24 -3.93 8.77
C MET B 134 -1.19 -4.22 8.37
N VAL B 135 -1.54 -5.49 8.28
CA VAL B 135 -2.89 -5.83 7.84
C VAL B 135 -3.86 -5.33 8.89
N VAL B 136 -3.58 -5.66 10.15
CA VAL B 136 -4.36 -5.22 11.30
C VAL B 136 -3.51 -4.36 12.25
N HIS B 137 -4.12 -3.30 12.77
CA HIS B 137 -3.46 -2.42 13.72
C HIS B 137 -3.21 -3.14 15.04
N ARG B 138 -2.08 -2.82 15.67
CA ARG B 138 -1.74 -3.32 16.97
C ARG B 138 -1.10 -2.21 17.80
N ASP B 139 -1.68 -1.95 18.96
CA ASP B 139 -1.25 -0.89 19.83
C ASP B 139 0.24 -0.96 20.12
N LEU B 140 0.88 0.20 20.13
CA LEU B 140 2.27 0.31 20.49
C LEU B 140 2.43 0.17 22.00
N LYS B 141 3.21 -0.82 22.41
CA LYS B 141 3.51 -1.03 23.82
C LYS B 141 5.00 -0.75 24.08
N PRO B 142 5.31 0.18 24.97
CA PRO B 142 6.69 0.49 25.32
C PRO B 142 7.53 -0.69 25.82
N GLU B 143 6.90 -1.68 26.45
CA GLU B 143 7.59 -2.91 26.85
C GLU B 143 8.16 -3.62 25.62
N ASN B 144 7.57 -3.35 24.46
CA ASN B 144 7.99 -3.97 23.22
C ASN B 144 9.01 -3.11 22.47
N VAL B 145 9.44 -2.03 23.11
CA VAL B 145 10.49 -1.19 22.52
C VAL B 145 11.84 -1.55 23.09
N LEU B 146 12.73 -2.07 22.24
CA LEU B 146 14.08 -2.41 22.68
C LEU B 146 15.12 -1.47 22.10
N LEU B 147 16.37 -1.63 22.58
CA LEU B 147 17.52 -0.88 22.06
C LEU B 147 18.71 -1.82 21.90
N ASP B 148 19.20 -1.98 20.67
CA ASP B 148 20.24 -2.96 20.37
C ASP B 148 21.60 -2.53 20.95
N ALA B 149 22.64 -3.31 20.63
CA ALA B 149 23.98 -3.06 21.12
C ALA B 149 24.53 -1.69 20.71
N HIS B 150 23.97 -1.13 19.65
CA HIS B 150 24.40 0.18 19.14
C HIS B 150 23.56 1.36 19.63
N MET B 151 22.69 1.11 20.61
CA MET B 151 21.77 2.14 21.14
C MET B 151 20.75 2.61 20.10
N ASN B 152 20.20 1.64 19.37
CA ASN B 152 19.17 1.92 18.36
C ASN B 152 17.82 1.35 18.76
N ALA B 153 16.77 2.14 18.63
CA ALA B 153 15.42 1.70 18.99
C ALA B 153 14.98 0.55 18.10
N LYS B 154 14.32 -0.43 18.70
CA LYS B 154 13.81 -1.58 17.95
C LYS B 154 12.42 -1.98 18.46
N ILE B 155 11.41 -1.98 17.58
CA ILE B 155 10.07 -2.42 17.98
C ILE B 155 10.00 -3.96 17.95
N ALA B 156 9.67 -4.57 19.09
CA ALA B 156 9.72 -6.03 19.25
C ALA B 156 8.56 -6.76 18.62
N ASP B 157 7.37 -6.16 18.68
CA ASP B 157 6.18 -6.77 18.11
C ASP B 157 5.96 -6.27 16.67
N PHE B 158 6.23 -7.14 15.71
CA PHE B 158 6.01 -6.87 14.27
C PHE B 158 4.69 -7.46 13.77
N GLY B 159 3.82 -7.86 14.70
CA GLY B 159 2.55 -8.48 14.37
C GLY B 159 2.32 -9.87 14.94
N LEU B 160 3.34 -10.46 15.52
CA LEU B 160 3.15 -11.58 16.44
C LEU B 160 3.79 -11.12 17.74
N SER B 161 3.46 -11.76 18.86
CA SER B 161 3.84 -11.23 20.18
C SER B 161 5.34 -11.04 20.28
N ASN B 162 5.81 -10.24 21.23
CA ASN B 162 7.22 -10.12 21.47
C ASN B 162 7.82 -11.45 21.92
N MET B 163 8.61 -12.04 21.04
CA MET B 163 9.19 -13.35 21.26
C MET B 163 10.44 -13.21 22.08
N MET B 164 11.03 -12.04 21.98
CA MET B 164 12.34 -11.78 22.57
C MET B 164 12.30 -11.84 24.08
N SER B 165 11.24 -11.33 24.71
CA SER B 165 11.31 -11.12 26.15
C SER B 165 10.12 -11.60 26.97
N ASP B 166 10.47 -12.18 28.11
CA ASP B 166 9.54 -12.68 29.12
C ASP B 166 9.76 -11.96 30.48
N GLY B 167 8.67 -11.62 31.18
CA GLY B 167 8.74 -10.94 32.50
C GLY B 167 9.73 -9.78 32.55
N SER B 176 5.16 -2.36 33.82
CA SER B 176 3.72 -2.66 33.79
C SER B 176 2.83 -1.73 34.64
N PRO B 177 3.27 -1.35 35.87
CA PRO B 177 2.29 -0.64 36.69
C PRO B 177 2.04 0.79 36.24
N ASN B 178 1.87 1.05 34.94
CA ASN B 178 2.09 2.43 34.51
C ASN B 178 1.08 3.18 33.62
N TYR B 179 1.24 3.05 32.31
CA TYR B 179 0.51 3.87 31.35
C TYR B 179 -0.72 3.17 30.73
N ALA B 180 -1.73 3.98 30.41
CA ALA B 180 -2.72 3.62 29.43
C ALA B 180 -3.33 4.92 28.91
N ALA B 181 -3.68 4.95 27.63
CA ALA B 181 -4.32 6.12 27.03
C ALA B 181 -5.76 6.27 27.58
N PRO B 182 -6.26 7.52 27.67
CA PRO B 182 -7.61 7.80 28.15
C PRO B 182 -8.71 6.97 27.51
N GLU B 183 -8.66 6.83 26.18
CA GLU B 183 -9.65 6.02 25.48
C GLU B 183 -9.53 4.55 25.88
N VAL B 184 -8.30 4.13 26.20
CA VAL B 184 -8.01 2.76 26.57
C VAL B 184 -8.42 2.46 28.02
N ILE B 185 -8.14 3.38 28.94
CA ILE B 185 -8.53 3.18 30.35
C ILE B 185 -10.05 3.08 30.42
N SER B 186 -10.72 3.80 29.54
CA SER B 186 -12.17 3.71 29.45
C SER B 186 -12.55 2.56 28.52
N GLY B 187 -13.84 2.34 28.36
CA GLY B 187 -14.30 1.25 27.48
C GLY B 187 -14.53 1.73 26.07
N ARG B 188 -13.77 2.74 25.65
CA ARG B 188 -14.10 3.48 24.43
C ARG B 188 -13.41 2.97 23.17
N LEU B 189 -14.11 3.16 22.05
CA LEU B 189 -13.67 2.70 20.74
C LEU B 189 -12.63 3.70 20.24
N TYR B 190 -11.57 3.20 19.63
CA TYR B 190 -10.52 4.05 19.11
C TYR B 190 -9.87 3.45 17.85
N ALA B 191 -9.27 4.32 17.05
CA ALA B 191 -8.60 3.93 15.81
C ALA B 191 -7.22 3.32 16.07
N GLY B 192 -6.48 3.91 16.99
CA GLY B 192 -5.20 3.39 17.44
C GLY B 192 -3.94 4.11 17.03
N PRO B 193 -3.93 4.79 15.88
CA PRO B 193 -2.79 5.71 15.72
C PRO B 193 -2.84 6.87 16.74
N GLU B 194 -4.05 7.27 17.07
CA GLU B 194 -4.29 8.25 18.15
C GLU B 194 -3.65 7.82 19.46
N VAL B 195 -3.94 6.58 19.89
CA VAL B 195 -3.44 6.06 21.16
C VAL B 195 -1.96 5.73 21.04
N ASP B 196 -1.50 5.45 19.82
CA ASP B 196 -0.08 5.24 19.57
C ASP B 196 0.65 6.54 19.84
N ILE B 197 0.07 7.66 19.43
CA ILE B 197 0.64 8.96 19.68
C ILE B 197 0.74 9.20 21.20
N TRP B 198 -0.34 8.94 21.91
CA TRP B 198 -0.36 9.13 23.36
C TRP B 198 0.69 8.22 23.99
N SER B 199 0.73 6.98 23.52
CA SER B 199 1.73 6.03 23.98
C SER B 199 3.13 6.53 23.69
N SER B 200 3.32 7.03 22.47
CA SER B 200 4.60 7.59 22.06
C SER B 200 4.93 8.87 22.85
N GLY B 201 3.90 9.48 23.41
CA GLY B 201 4.08 10.65 24.23
C GLY B 201 4.72 10.31 25.56
N VAL B 202 4.23 9.25 26.22
CA VAL B 202 4.76 8.88 27.53
C VAL B 202 6.15 8.28 27.39
N ILE B 203 6.44 7.73 26.22
CA ILE B 203 7.79 7.23 25.95
C ILE B 203 8.77 8.38 25.83
N LEU B 204 8.41 9.39 25.04
CA LEU B 204 9.24 10.57 24.86
C LEU B 204 9.46 11.25 26.19
N TYR B 205 8.39 11.34 26.99
CA TYR B 205 8.49 11.92 28.33
C TYR B 205 9.42 11.13 29.23
N ALA B 206 9.30 9.79 29.15
CA ALA B 206 10.13 8.91 29.94
C ALA B 206 11.58 9.11 29.57
N LEU B 207 11.84 9.41 28.31
CA LEU B 207 13.23 9.61 27.86
C LEU B 207 13.86 10.88 28.45
N LEU B 208 13.11 11.97 28.43
CA LEU B 208 13.63 13.26 28.91
C LEU B 208 13.63 13.35 30.44
N CYS B 209 12.59 12.82 31.06
CA CYS B 209 12.40 12.92 32.50
C CYS B 209 12.93 11.74 33.29
N GLY B 210 12.67 10.52 32.83
CA GLY B 210 13.06 9.32 33.55
C GLY B 210 11.92 8.86 34.41
N THR B 211 10.76 9.46 34.18
CA THR B 211 9.53 9.15 34.89
C THR B 211 8.39 9.22 33.89
N LEU B 212 7.24 8.70 34.26
CA LEU B 212 6.06 8.76 33.43
C LEU B 212 5.28 10.02 33.72
N PRO B 213 4.59 10.56 32.72
CA PRO B 213 3.86 11.79 33.02
C PRO B 213 2.72 11.58 34.02
N PHE B 214 2.05 10.44 33.97
CA PHE B 214 1.02 10.13 34.95
C PHE B 214 1.33 8.82 35.71
N ASP B 215 2.00 8.91 36.86
CA ASP B 215 2.37 7.72 37.65
C ASP B 215 1.68 7.58 39.04
N ASP B 216 0.59 8.29 39.29
CA ASP B 216 -0.02 8.29 40.64
C ASP B 216 -0.21 6.93 41.35
N ASP B 217 -0.17 6.98 42.68
CA ASP B 217 0.13 5.80 43.53
C ASP B 217 -0.76 4.58 43.40
N HIS B 218 -2.06 4.70 43.68
CA HIS B 218 -2.97 3.60 43.40
C HIS B 218 -3.91 3.90 42.25
N VAL B 219 -4.71 2.90 41.86
CA VAL B 219 -5.41 2.91 40.57
C VAL B 219 -6.44 4.04 40.51
N PRO B 220 -7.22 4.26 41.58
CA PRO B 220 -8.16 5.38 41.53
C PRO B 220 -7.53 6.73 41.17
N THR B 221 -6.41 7.09 41.80
CA THR B 221 -5.79 8.40 41.53
C THR B 221 -4.96 8.41 40.24
N LEU B 222 -4.48 7.23 39.85
CA LEU B 222 -3.65 7.07 38.64
C LEU B 222 -4.37 7.50 37.36
N PHE B 223 -5.40 6.75 37.01
CA PHE B 223 -6.14 6.94 35.78
C PHE B 223 -6.98 8.21 35.86
N LYS B 224 -7.05 8.79 37.04
CA LYS B 224 -7.77 10.04 37.26
C LYS B 224 -7.04 11.22 36.61
N LYS B 225 -5.77 11.36 36.93
CA LYS B 225 -4.94 12.44 36.36
C LYS B 225 -4.70 12.26 34.85
N ILE B 226 -4.74 11.03 34.38
CA ILE B 226 -4.60 10.73 32.96
C ILE B 226 -5.73 11.44 32.19
N CYS B 227 -6.92 11.44 32.77
CA CYS B 227 -8.06 12.13 32.18
C CYS B 227 -7.95 13.64 32.33
N ASP B 228 -7.16 14.10 33.30
CA ASP B 228 -6.95 15.53 33.49
C ASP B 228 -5.97 16.09 32.47
N GLY B 229 -4.95 15.30 32.15
CA GLY B 229 -3.99 15.66 31.12
C GLY B 229 -2.85 16.55 31.59
N ILE B 230 -3.03 17.18 32.75
CA ILE B 230 -2.00 18.06 33.29
C ILE B 230 -0.84 17.22 33.85
N PHE B 231 0.38 17.57 33.50
CA PHE B 231 1.54 16.80 33.93
C PHE B 231 2.68 17.71 34.37
N TYR B 232 3.56 17.16 35.22
CA TYR B 232 4.68 17.91 35.75
C TYR B 232 5.69 18.22 34.64
N THR B 233 6.32 19.40 34.72
CA THR B 233 7.26 19.83 33.70
C THR B 233 8.58 20.23 34.31
N PRO B 234 9.55 19.29 34.33
CA PRO B 234 10.87 19.66 34.82
C PRO B 234 11.47 20.88 34.12
N GLN B 235 12.31 21.58 34.85
CA GLN B 235 12.81 22.89 34.47
C GLN B 235 13.73 22.83 33.24
N TYR B 236 14.47 21.73 33.13
CA TYR B 236 15.42 21.54 32.03
C TYR B 236 14.74 21.21 30.71
N LEU B 237 13.42 21.12 30.73
CA LEU B 237 12.62 20.95 29.53
C LEU B 237 12.34 22.30 28.86
N ASN B 238 12.83 22.51 27.64
CA ASN B 238 12.59 23.78 26.96
C ASN B 238 11.15 23.84 26.51
N PRO B 239 10.58 25.04 26.43
CA PRO B 239 9.16 25.17 26.06
C PRO B 239 8.79 24.58 24.67
N SER B 240 9.78 24.37 23.80
CA SER B 240 9.52 23.80 22.49
C SER B 240 9.10 22.33 22.58
N VAL B 241 9.80 21.54 23.38
CA VAL B 241 9.47 20.13 23.54
C VAL B 241 8.26 19.97 24.45
N ILE B 242 8.00 20.95 25.32
CA ILE B 242 6.85 20.91 26.19
C ILE B 242 5.58 21.16 25.41
N SER B 243 5.68 21.97 24.36
CA SER B 243 4.53 22.21 23.48
C SER B 243 4.16 20.92 22.75
N LEU B 244 5.19 20.22 22.27
CA LEU B 244 5.01 18.94 21.60
C LEU B 244 4.41 17.94 22.57
N LEU B 245 5.00 17.82 23.75
CA LEU B 245 4.51 16.92 24.78
C LEU B 245 3.07 17.19 25.15
N LYS B 246 2.67 18.46 25.21
CA LYS B 246 1.26 18.80 25.50
C LYS B 246 0.33 18.36 24.40
N HIS B 247 0.79 18.43 23.17
CA HIS B 247 -0.08 18.10 22.06
C HIS B 247 -0.27 16.61 21.92
N MET B 248 0.79 15.86 22.15
CA MET B 248 0.72 14.41 22.05
C MET B 248 -0.14 13.82 23.15
N LEU B 249 -0.16 14.49 24.29
CA LEU B 249 -0.83 14.01 25.51
C LEU B 249 -2.23 14.57 25.70
N GLN B 250 -2.78 15.23 24.70
CA GLN B 250 -4.17 15.66 24.70
C GLN B 250 -5.13 14.53 25.05
N VAL B 251 -5.98 14.76 26.05
CA VAL B 251 -6.98 13.75 26.46
C VAL B 251 -8.05 13.59 25.41
N ASP B 252 -8.33 14.66 24.69
CA ASP B 252 -9.31 14.64 23.60
C ASP B 252 -8.58 14.17 22.36
N PRO B 253 -8.93 12.97 21.87
CA PRO B 253 -8.26 12.42 20.70
C PRO B 253 -8.41 13.30 19.46
N MET B 254 -9.54 14.00 19.35
CA MET B 254 -9.75 14.93 18.24
C MET B 254 -8.82 16.13 18.30
N LYS B 255 -8.33 16.43 19.49
CA LYS B 255 -7.39 17.53 19.67
C LYS B 255 -5.93 17.03 19.69
N ARG B 256 -5.74 15.73 19.67
CA ARG B 256 -4.43 15.14 19.86
C ARG B 256 -3.58 15.26 18.61
N ALA B 257 -2.26 15.39 18.80
CA ALA B 257 -1.32 15.47 17.70
C ALA B 257 -1.35 14.24 16.84
N SER B 258 -1.14 14.42 15.55
CA SER B 258 -1.05 13.32 14.61
C SER B 258 0.39 13.17 14.19
N ILE B 259 0.73 12.09 13.48
CA ILE B 259 2.12 11.89 13.06
C ILE B 259 2.62 13.08 12.25
N LYS B 260 1.76 13.65 11.43
CA LYS B 260 2.11 14.82 10.63
C LYS B 260 2.40 16.05 11.49
N ASP B 261 1.65 16.18 12.57
CA ASP B 261 1.86 17.28 13.52
C ASP B 261 3.26 17.20 14.14
N ILE B 262 3.61 16.02 14.63
CA ILE B 262 4.92 15.76 15.21
C ILE B 262 6.03 15.93 14.18
N ARG B 263 5.77 15.45 12.98
CA ARG B 263 6.70 15.52 11.86
C ARG B 263 7.06 16.96 11.51
N GLU B 264 6.09 17.87 11.66
CA GLU B 264 6.29 19.27 11.32
C GLU B 264 6.74 20.12 12.51
N HIS B 265 6.91 19.51 13.68
CA HIS B 265 7.28 20.25 14.88
C HIS B 265 8.77 20.55 14.89
N GLU B 266 9.12 21.80 15.22
CA GLU B 266 10.49 22.27 15.12
C GLU B 266 11.45 21.44 15.97
N TRP B 267 11.02 21.11 17.19
CA TRP B 267 11.84 20.31 18.10
C TRP B 267 12.17 18.95 17.52
N PHE B 268 11.20 18.35 16.84
CA PHE B 268 11.37 17.03 16.24
C PHE B 268 12.24 17.09 14.99
N LYS B 269 12.03 18.12 14.18
CA LYS B 269 12.69 18.25 12.89
C LYS B 269 14.18 18.50 12.98
N GLN B 270 14.67 18.88 14.16
CA GLN B 270 16.11 19.15 14.35
C GLN B 270 16.94 17.89 14.25
N ASP B 271 17.96 17.96 13.39
CA ASP B 271 18.89 16.84 13.17
C ASP B 271 18.17 15.55 12.83
N LEU B 272 17.13 15.65 12.01
CA LEU B 272 16.33 14.50 11.62
C LEU B 272 16.94 13.81 10.39
N PRO B 273 17.40 12.56 10.56
CA PRO B 273 17.94 11.76 9.46
C PRO B 273 16.94 11.60 8.31
N LYS B 274 17.44 11.72 7.08
CA LYS B 274 16.58 11.72 5.89
C LYS B 274 15.91 10.36 5.66
N TYR B 275 16.67 9.26 5.85
CA TYR B 275 16.17 7.92 5.57
C TYR B 275 15.00 7.49 6.45
N LEU B 276 14.80 8.17 7.57
CA LEU B 276 13.80 7.78 8.57
C LEU B 276 12.39 7.70 8.00
N PHE B 277 11.95 8.81 7.42
CA PHE B 277 10.61 8.86 6.88
C PHE B 277 10.66 8.93 5.36
N PRO B 278 9.65 8.34 4.70
CA PRO B 278 9.55 8.34 3.24
C PRO B 278 9.25 9.75 2.75
N GLU B 279 9.55 10.03 1.50
CA GLU B 279 9.36 11.36 1.00
C GLU B 279 7.98 11.18 0.41
N ASP B 280 6.97 11.54 1.18
CA ASP B 280 5.60 11.53 0.70
C ASP B 280 5.34 12.77 -0.12
N PRO B 281 4.85 12.61 -1.35
CA PRO B 281 4.51 13.83 -2.04
C PRO B 281 3.26 14.44 -1.44
N SER B 282 3.37 15.71 -1.10
CA SER B 282 2.29 16.50 -0.58
C SER B 282 1.83 17.42 -1.70
N TYR B 283 0.96 18.36 -1.35
CA TYR B 283 0.33 19.23 -2.32
C TYR B 283 1.19 20.48 -2.30
N SER B 284 1.44 21.03 -3.46
CA SER B 284 2.32 22.19 -3.58
C SER B 284 1.55 23.34 -4.17
N THR B 285 2.00 24.56 -3.87
CA THR B 285 1.30 25.78 -4.27
C THR B 285 1.25 25.90 -5.78
N THR B 286 2.24 25.30 -6.42
CA THR B 286 2.43 25.33 -7.87
C THR B 286 1.40 24.49 -8.62
N MET B 287 0.73 23.61 -7.88
CA MET B 287 -0.35 22.80 -8.41
C MET B 287 -1.68 23.57 -8.47
N ILE B 288 -1.80 24.58 -7.60
CA ILE B 288 -3.03 25.31 -7.37
C ILE B 288 -3.64 25.84 -8.66
N ASP B 289 -4.93 25.62 -8.84
CA ASP B 289 -5.68 26.17 -9.96
C ASP B 289 -6.56 27.30 -9.42
N ASP B 290 -6.17 28.52 -9.77
CA ASP B 290 -6.74 29.73 -9.22
C ASP B 290 -8.21 29.89 -9.60
N GLU B 291 -8.51 29.58 -10.84
CA GLU B 291 -9.89 29.69 -11.34
C GLU B 291 -10.77 28.69 -10.62
N ALA B 292 -10.34 27.44 -10.53
CA ALA B 292 -11.11 26.42 -9.84
C ALA B 292 -11.27 26.72 -8.35
N LEU B 293 -10.18 27.17 -7.72
CA LEU B 293 -10.22 27.53 -6.30
C LEU B 293 -11.27 28.62 -6.08
N LYS B 294 -11.28 29.61 -6.95
CA LYS B 294 -12.20 30.74 -6.84
C LYS B 294 -13.66 30.31 -7.09
N GLU B 295 -13.85 29.44 -8.08
CA GLU B 295 -15.19 28.95 -8.41
C GLU B 295 -15.82 28.23 -7.24
N VAL B 296 -15.05 27.38 -6.59
CA VAL B 296 -15.52 26.64 -5.43
C VAL B 296 -15.90 27.57 -4.29
N CYS B 297 -14.99 28.46 -3.93
CA CYS B 297 -15.23 29.42 -2.85
C CYS B 297 -16.45 30.29 -3.08
N GLU B 298 -16.74 30.57 -4.34
CA GLU B 298 -17.90 31.35 -4.72
C GLU B 298 -19.20 30.54 -4.63
N LYS B 299 -19.22 29.39 -5.31
CA LYS B 299 -20.39 28.53 -5.34
C LYS B 299 -20.73 28.01 -3.93
N PHE B 300 -19.70 27.77 -3.13
CA PHE B 300 -19.85 27.50 -1.70
C PHE B 300 -19.71 28.82 -0.95
N GLU B 301 -19.71 28.78 0.37
CA GLU B 301 -19.57 30.00 1.16
C GLU B 301 -18.13 30.25 1.55
N CYS B 302 -17.28 29.25 1.35
CA CYS B 302 -16.00 29.17 2.04
C CYS B 302 -14.95 30.19 1.59
N SER B 303 -13.76 30.04 2.16
CA SER B 303 -12.60 30.85 1.82
C SER B 303 -11.55 29.95 1.22
N GLU B 304 -10.51 30.52 0.61
CA GLU B 304 -9.48 29.70 -0.03
C GLU B 304 -8.77 28.81 0.98
N GLU B 305 -8.51 29.35 2.16
CA GLU B 305 -7.88 28.59 3.25
C GLU B 305 -8.62 27.28 3.51
N GLU B 306 -9.95 27.36 3.58
CA GLU B 306 -10.78 26.19 3.83
C GLU B 306 -10.56 25.12 2.76
N VAL B 307 -10.56 25.54 1.49
CA VAL B 307 -10.39 24.62 0.39
C VAL B 307 -8.94 24.14 0.27
N LEU B 308 -7.99 25.08 0.36
CA LEU B 308 -6.56 24.73 0.32
C LEU B 308 -6.21 23.71 1.40
N SER B 309 -6.78 23.89 2.59
CA SER B 309 -6.54 22.99 3.71
C SER B 309 -6.87 21.55 3.36
N CYS B 310 -7.96 21.35 2.62
CA CYS B 310 -8.33 20.01 2.16
C CYS B 310 -7.32 19.43 1.16
N LEU B 311 -6.83 20.26 0.24
CA LEU B 311 -5.88 19.82 -0.76
C LEU B 311 -4.52 19.47 -0.15
N TYR B 312 -4.05 20.30 0.78
CA TYR B 312 -2.79 20.06 1.47
C TYR B 312 -2.85 18.86 2.41
N ASN B 313 -4.01 18.66 3.02
CA ASN B 313 -4.20 17.53 3.93
C ASN B 313 -4.82 16.29 3.30
N ARG B 314 -5.02 16.28 2.00
CA ARG B 314 -5.54 15.09 1.28
C ARG B 314 -6.91 14.63 1.79
N ASN B 315 -7.73 15.63 2.10
CA ASN B 315 -9.06 15.50 2.69
C ASN B 315 -10.11 15.29 1.61
N HIS B 316 -9.66 14.63 0.55
CA HIS B 316 -10.37 14.48 -0.72
C HIS B 316 -11.83 14.09 -0.68
N GLN B 317 -12.30 13.50 0.41
CA GLN B 317 -13.73 13.16 0.53
C GLN B 317 -14.61 14.36 0.93
N ASP B 318 -13.97 15.47 1.28
CA ASP B 318 -14.68 16.70 1.64
C ASP B 318 -15.34 17.27 0.38
N PRO B 319 -16.60 17.72 0.51
CA PRO B 319 -17.37 18.27 -0.62
C PRO B 319 -16.65 19.38 -1.38
N LEU B 320 -15.76 20.10 -0.69
CA LEU B 320 -14.96 21.14 -1.33
C LEU B 320 -13.92 20.51 -2.24
N ALA B 321 -13.26 19.47 -1.76
CA ALA B 321 -12.25 18.77 -2.54
C ALA B 321 -12.84 18.05 -3.74
N VAL B 322 -13.99 17.42 -3.56
CA VAL B 322 -14.66 16.71 -4.65
C VAL B 322 -15.02 17.67 -5.78
N ALA B 323 -15.49 18.85 -5.41
CA ALA B 323 -15.81 19.89 -6.38
C ALA B 323 -14.58 20.39 -7.12
N TYR B 324 -13.54 20.72 -6.38
CA TYR B 324 -12.28 21.19 -6.95
C TYR B 324 -11.74 20.18 -7.96
N HIS B 325 -11.79 18.91 -7.60
CA HIS B 325 -11.28 17.84 -8.47
C HIS B 325 -12.10 17.67 -9.73
N LEU B 326 -13.41 17.76 -9.62
CA LEU B 326 -14.28 17.70 -10.80
C LEU B 326 -13.93 18.76 -11.84
N ILE B 327 -13.55 19.94 -11.37
CA ILE B 327 -13.18 21.03 -12.26
C ILE B 327 -11.82 20.75 -12.93
N ILE B 328 -10.86 20.28 -12.14
CA ILE B 328 -9.53 19.95 -12.63
C ILE B 328 -9.57 18.84 -13.68
N ASP B 329 -10.26 17.75 -13.38
CA ASP B 329 -10.25 16.57 -14.26
C ASP B 329 -10.95 16.80 -15.58
N ASN B 330 -11.88 17.74 -15.59
CA ASN B 330 -12.68 18.03 -16.76
C ASN B 330 -12.21 19.26 -17.52
N ARG B 331 -11.07 19.81 -17.14
CA ARG B 331 -10.45 20.86 -17.93
C ARG B 331 -10.18 20.27 -19.31
N ARG B 332 -10.35 21.08 -20.35
CA ARG B 332 -10.13 20.60 -21.72
C ARG B 332 -8.61 20.57 -21.94
N ILE B 333 -7.95 21.72 -21.76
CA ILE B 333 -6.50 21.79 -21.87
C ILE B 333 -5.86 21.03 -20.71
N MET B 334 -4.77 20.34 -21.00
CA MET B 334 -4.09 19.52 -19.99
C MET B 334 -2.92 20.26 -19.35
N ASN B 335 -2.76 20.07 -18.04
CA ASN B 335 -1.66 20.67 -17.30
C ASN B 335 -0.64 19.64 -16.77
N GLU B 336 0.56 20.12 -16.47
CA GLU B 336 1.61 19.26 -15.93
C GLU B 336 1.26 18.85 -14.50
N ALA B 337 0.79 19.82 -13.72
CA ALA B 337 0.48 19.64 -12.30
C ALA B 337 -0.94 19.14 -11.98
N LYS B 338 -1.75 18.85 -12.98
CA LYS B 338 -3.09 18.36 -12.71
C LYS B 338 -3.13 16.85 -12.47
N ASP B 339 -1.97 16.21 -12.58
CA ASP B 339 -1.87 14.75 -12.55
C ASP B 339 -1.38 14.05 -11.26
N PHE B 340 -1.32 14.77 -10.14
CA PHE B 340 -0.87 14.19 -8.86
C PHE B 340 -1.63 12.92 -8.43
N TYR B 341 -2.72 12.64 -9.14
CA TYR B 341 -3.59 11.50 -8.89
C TYR B 341 -2.96 10.11 -8.83
N LEU B 342 -2.18 9.72 -9.83
CA LEU B 342 -1.72 8.33 -9.89
C LEU B 342 -0.60 8.00 -8.92
N ALA B 343 0.32 8.94 -8.71
CA ALA B 343 1.43 8.71 -7.77
C ALA B 343 0.91 8.34 -6.38
N THR B 344 -0.33 8.75 -6.11
CA THR B 344 -0.97 8.51 -4.81
C THR B 344 -1.68 7.17 -4.80
N SER B 345 -1.91 6.65 -3.60
CA SER B 345 -2.80 5.52 -3.45
C SER B 345 -4.20 6.09 -3.33
N PRO B 346 -5.24 5.27 -3.64
CA PRO B 346 -6.62 5.71 -3.43
C PRO B 346 -7.13 5.46 -2.02
N PRO B 347 -8.03 6.31 -1.52
CA PRO B 347 -8.57 6.07 -0.18
C PRO B 347 -9.78 5.17 -0.17
N ASP B 348 -10.27 4.86 1.03
CA ASP B 348 -11.38 3.93 1.20
C ASP B 348 -12.55 4.61 1.92
N SER B 349 -13.71 3.99 1.84
CA SER B 349 -14.93 4.52 2.40
C SER B 349 -15.20 3.83 3.75
#